data_8YW4
#
_entry.id   8YW4
#
_cell.length_a   1.00
_cell.length_b   1.00
_cell.length_c   1.00
_cell.angle_alpha   90.00
_cell.angle_beta   90.00
_cell.angle_gamma   90.00
#
_symmetry.space_group_name_H-M   'P 1'
#
loop_
_entity.id
_entity.type
_entity.pdbx_description
1 polymer Mini-Gs
2 polymer 'Guanine nucleotide-binding protein G(I)/G(S)/G(T) subunit beta-1'
3 polymer 'Guanine nucleotide-binding protein G(I)/G(S)/G(O) subunit gamma-2'
4 polymer Nanobody-35
5 polymer 'Gastric inhibitory polypeptide receptor'
6 polymer retatrutide
#
loop_
_entity_poly.entity_id
_entity_poly.type
_entity_poly.pdbx_seq_one_letter_code
_entity_poly.pdbx_strand_id
1 'polypeptide(L)'
;MGCTLSAEDKAAVERSKMIEKQLQKDKQVYRATHRLLLLGADNSGKSTIVKQMRIYHVNGYSEEECKQYKAVVYSNTIQS
IIAIIRAMGRLKIDFGDSARADDARQLFVLAGAAEEGFMTAELAGVIKRLWKDSGVQACFNRSREYQLNDSAAYYLNDLD
RIAQPNYIPTQQDVLRTRVKTSGIFETKFQVDKVNFHMFDVGAQRDERRKWIQCFNDVTAIIFVVDSSDYNRLQEALNDF
KSIWNNRWLRTISVILFLNKQDLLAEKVLAGKSKIEDYFPEFARYTTPEDATPEPGEDPRVTRAKYFIRDEFLRISTASG
DGRHYCYPHFTCSVDTENARRIFNDCRDIIQRMHLRQYELL
;
A
2 'polypeptide(L)'
;ELDQLRQEAEQLKNQIRDARKACADATLSQITNNIDPVGRIQMRTRRTLRGHLAKIYAMHWGTDSRLLVSASQDGKLIIW
DSYTTNKVHAIPLRSSWVMTCAYAPSGNYVACGGLDNICSIYNLKTREGNVRVSRELAGHTGYLSCCRFLDDNQIVTSSG
DTTCALWDIETGQQTTTFTGHTGDVMSLSLAPDTRLFVSGACDASAKLWDVREGMCRQTFTGHESDINAICFFPNGNAFA
TGSDDATCRLFDLRADQELMTYSHDNIICGITSVSFSKSGRLLLAGYDDFNCNVWDALKADRAGVLAGHDNRVSCLGVTD
DGMAVATGSWDSFLKIWNGSS
;
B
3 'polypeptide(L)' MASNNTASIAQARKLVEQLKMEANIDRIKVSKAAADLMAYCEAHAKEDPLLTPVPASENPFREKKFFCAIL G
4 'polypeptide(L)'
;MAQVQLQESGGGLVQPGGSLRLSCAASGFTFSNYKMNWVRQAPGKGLEWVSDISQSGASISYTGSVKGRFTISRDNAKNT
LYLQMNSLKPEDTAVYYCARCPAPFTRDCFDVTSTTYAYRGQGTQVTVSSHHHHHHEPEA
;
N
5 'polypeptide(L)'
;RAETGSKGQTAGELYQRWERYRRECQETLAAAEPPSGLACNGSFDMYVCWDYAAPNATARASCPWYLPWHHHVTAGFELY
QCGSDGRWERYRDHTQCENRECQEAFLDQRLILERLQVMYTVGYSLSLATLLLALLILSLFRRLHCTRNYIHINLFTSFM
LRAAAILSRDRLLPRPGPYLGDQALALWNQALAACRTAQIVTQYCVGANYTWLLVEGVYLHSLLVLVGGSEEGHFRYYLL
LGWGAPALFVIPWVIVRYLYENTQCWERNEVKAIWWIIRTPILMTILINFLIFIRILGILLSKLRTRQMRCRDYRLRLAR
STLFLVPLLGVHEVVFAPVTEEQARGALRFAKLGFEIFLSSFQGFLVSVLYCFINKEVQSEIRRGWHHCRLRRSLGEEQR
GSSGGGGSGGGGSSGVFTLEDFVGDWEQTAAYNLDQVLEQGGVSSLLQNLAVSVTPIQRIVRSGENALKIDIHVIIPYEG
LSADQMAQIEEVFKVVYPVDDHHFKVILPYGTLVIDGVTPNMLNYFGRPYEGIAVFDGKKITVTGTLWNGNKIIDERLIT
PDGSMLFRVTINS
;
R
6 'polypeptide(L)' Y(AIB)QGTFTSDYSI(2ML)LDKKAQ(AIB)AFIEYLL P
#
# COMPACT_ATOMS: atom_id res chain seq x y z
N LEU A 5 39.85 -17.53 -2.51
CA LEU A 5 38.44 -17.37 -2.85
C LEU A 5 37.88 -16.06 -2.33
N SER A 6 38.19 -15.75 -1.07
CA SER A 6 37.68 -14.52 -0.46
C SER A 6 38.25 -13.27 -1.11
N ALA A 7 39.35 -13.38 -1.85
CA ALA A 7 39.91 -12.22 -2.53
C ALA A 7 38.96 -11.67 -3.57
N GLU A 8 38.35 -12.55 -4.37
CA GLU A 8 37.39 -12.11 -5.37
C GLU A 8 36.05 -11.75 -4.75
N ASP A 9 35.65 -12.47 -3.69
CA ASP A 9 34.37 -12.19 -3.05
C ASP A 9 34.37 -10.82 -2.38
N LYS A 10 35.52 -10.40 -1.85
CA LYS A 10 35.60 -9.07 -1.24
C LYS A 10 35.35 -7.98 -2.27
N ALA A 11 35.82 -8.19 -3.50
CA ALA A 11 35.55 -7.22 -4.57
C ALA A 11 34.05 -7.12 -4.84
N ALA A 12 33.35 -8.26 -4.86
CA ALA A 12 31.91 -8.23 -5.07
C ALA A 12 31.20 -7.52 -3.92
N VAL A 13 31.61 -7.79 -2.68
CA VAL A 13 31.00 -7.12 -1.54
C VAL A 13 31.34 -5.64 -1.54
N GLU A 14 32.57 -5.30 -1.94
CA GLU A 14 32.95 -3.90 -2.02
C GLU A 14 32.07 -3.13 -2.99
N ARG A 15 31.76 -3.75 -4.13
CA ARG A 15 30.81 -3.14 -5.05
C ARG A 15 29.42 -3.04 -4.42
N SER A 16 29.00 -4.08 -3.70
CA SER A 16 27.69 -4.06 -3.07
C SER A 16 27.61 -3.01 -1.97
N LYS A 17 28.75 -2.70 -1.34
CA LYS A 17 28.77 -1.64 -0.34
C LYS A 17 28.68 -0.26 -0.99
N MET A 18 29.33 -0.11 -2.15
CA MET A 18 29.23 1.14 -2.89
C MET A 18 27.81 1.36 -3.40
N ILE A 19 27.17 0.31 -3.88
CA ILE A 19 25.80 0.41 -4.38
C ILE A 19 24.85 0.82 -3.26
N GLU A 20 25.01 0.22 -2.08
CA GLU A 20 24.14 0.55 -0.95
C GLU A 20 24.33 2.00 -0.52
N LYS A 21 25.57 2.50 -0.58
CA LYS A 21 25.83 3.88 -0.17
C LYS A 21 25.09 4.87 -1.06
N GLN A 22 25.06 4.62 -2.36
CA GLN A 22 24.33 5.49 -3.28
C GLN A 22 22.81 5.32 -3.12
N LEU A 23 22.36 4.08 -2.87
CA LEU A 23 20.94 3.85 -2.67
C LEU A 23 20.42 4.59 -1.45
N GLN A 24 21.22 4.65 -0.38
CA GLN A 24 20.83 5.41 0.81
C GLN A 24 20.68 6.89 0.49
N LYS A 25 21.59 7.43 -0.33
CA LYS A 25 21.50 8.83 -0.72
C LYS A 25 20.23 9.09 -1.54
N ASP A 26 19.88 8.17 -2.44
CA ASP A 26 18.68 8.33 -3.25
C ASP A 26 17.41 8.06 -2.45
N LYS A 27 17.51 7.37 -1.31
CA LYS A 27 16.33 7.16 -0.48
C LYS A 27 15.87 8.46 0.16
N GLN A 28 16.81 9.33 0.54
CA GLN A 28 16.44 10.60 1.14
C GLN A 28 15.73 11.50 0.14
N VAL A 29 16.26 11.60 -1.09
CA VAL A 29 15.63 12.46 -2.08
C VAL A 29 14.30 11.88 -2.56
N TYR A 30 14.19 10.55 -2.61
CA TYR A 30 12.91 9.94 -2.99
C TYR A 30 11.84 10.23 -1.96
N ARG A 31 12.18 10.17 -0.68
CA ARG A 31 11.20 10.43 0.37
C ARG A 31 10.97 11.91 0.62
N ALA A 32 11.86 12.77 0.12
CA ALA A 32 11.68 14.21 0.32
C ALA A 32 10.61 14.80 -0.58
N THR A 33 10.52 14.32 -1.82
CA THR A 33 9.59 14.87 -2.79
C THR A 33 8.23 14.20 -2.69
N HIS A 34 7.20 14.96 -3.06
CA HIS A 34 5.84 14.46 -3.10
C HIS A 34 5.44 14.23 -4.55
N ARG A 35 4.95 13.03 -4.85
CA ARG A 35 4.49 12.68 -6.19
C ARG A 35 2.98 12.86 -6.26
N LEU A 36 2.53 13.62 -7.24
CA LEU A 36 1.12 13.88 -7.44
C LEU A 36 0.70 13.41 -8.83
N LEU A 37 -0.50 12.87 -8.92
CA LEU A 37 -1.07 12.46 -10.20
C LEU A 37 -2.17 13.44 -10.58
N LEU A 38 -2.12 13.92 -11.82
CA LEU A 38 -3.10 14.87 -12.33
C LEU A 38 -4.06 14.15 -13.27
N LEU A 39 -5.35 14.34 -13.06
CA LEU A 39 -6.37 13.67 -13.85
C LEU A 39 -7.41 14.66 -14.30
N GLY A 40 -8.08 14.33 -15.39
CA GLY A 40 -9.11 15.20 -15.93
C GLY A 40 -9.52 14.75 -17.32
N ALA A 41 -10.47 15.48 -17.88
CA ALA A 41 -11.00 15.19 -19.20
C ALA A 41 -10.39 16.16 -20.22
N ASP A 42 -10.92 16.09 -21.44
CA ASP A 42 -10.45 16.98 -22.50
C ASP A 42 -10.79 18.43 -22.20
N ASN A 43 -12.02 18.70 -21.71
CA ASN A 43 -12.44 20.07 -21.47
C ASN A 43 -11.80 20.69 -20.24
N SER A 44 -11.38 19.87 -19.29
CA SER A 44 -10.76 20.41 -18.07
C SER A 44 -9.46 21.12 -18.41
N GLY A 45 -9.19 22.22 -17.69
CA GLY A 45 -8.00 22.99 -17.93
C GLY A 45 -6.74 22.35 -17.38
N LYS A 46 -6.51 21.08 -17.73
CA LYS A 46 -5.33 20.38 -17.24
C LYS A 46 -4.05 21.04 -17.73
N SER A 47 -3.99 21.40 -19.01
CA SER A 47 -2.80 22.04 -19.55
C SER A 47 -2.57 23.40 -18.92
N THR A 48 -3.64 24.18 -18.74
CA THR A 48 -3.50 25.49 -18.12
C THR A 48 -3.01 25.38 -16.68
N ILE A 49 -3.50 24.37 -15.96
CA ILE A 49 -3.00 24.13 -14.60
C ILE A 49 -1.52 23.80 -14.66
N VAL A 50 -1.11 22.95 -15.60
CA VAL A 50 0.30 22.60 -15.74
C VAL A 50 1.11 23.82 -16.16
N LYS A 51 0.59 24.59 -17.12
CA LYS A 51 1.31 25.75 -17.62
C LYS A 51 1.53 26.79 -16.52
N GLN A 52 0.66 26.81 -15.51
CA GLN A 52 0.84 27.73 -14.39
C GLN A 52 2.15 27.45 -13.67
N MET A 53 2.47 26.17 -13.47
CA MET A 53 3.74 25.77 -12.87
C MET A 53 4.77 25.30 -13.88
N ARG A 54 4.49 25.43 -15.17
CA ARG A 54 5.48 25.07 -16.19
C ARG A 54 6.62 26.08 -16.24
N ILE A 55 6.45 27.24 -15.62
CA ILE A 55 7.50 28.26 -15.60
C ILE A 55 8.74 27.73 -14.89
N TYR A 56 8.54 26.99 -13.80
CA TYR A 56 9.65 26.47 -12.99
C TYR A 56 10.20 25.19 -13.64
N HIS A 57 10.90 25.39 -14.75
CA HIS A 57 11.48 24.29 -15.53
C HIS A 57 12.89 24.00 -15.03
N VAL A 58 13.23 22.72 -15.00
CA VAL A 58 14.57 22.31 -14.58
C VAL A 58 15.38 21.82 -15.77
N THR A 181 3.07 7.92 -28.02
CA THR A 181 4.51 7.73 -28.15
C THR A 181 5.26 8.44 -27.03
N SER A 182 4.70 9.55 -26.55
CA SER A 182 5.35 10.28 -25.47
C SER A 182 5.24 9.55 -24.14
N GLY A 183 4.04 9.05 -23.82
CA GLY A 183 3.85 8.31 -22.59
C GLY A 183 3.22 9.13 -21.48
N ILE A 184 4.04 9.55 -20.51
CA ILE A 184 3.58 10.33 -19.37
C ILE A 184 4.47 11.55 -19.24
N PHE A 185 3.85 12.70 -18.97
CA PHE A 185 4.59 13.93 -18.72
C PHE A 185 4.79 14.11 -17.22
N GLU A 186 5.83 14.86 -16.87
CA GLU A 186 6.11 15.21 -15.49
C GLU A 186 6.46 16.69 -15.40
N THR A 187 5.97 17.34 -14.35
CA THR A 187 6.30 18.73 -14.07
C THR A 187 6.77 18.83 -12.63
N LYS A 188 7.96 19.39 -12.43
CA LYS A 188 8.52 19.56 -11.09
C LYS A 188 8.35 21.02 -10.68
N PHE A 189 7.60 21.23 -9.59
CA PHE A 189 7.47 22.53 -8.98
C PHE A 189 7.69 22.41 -7.49
N GLN A 190 8.35 23.40 -6.90
CA GLN A 190 8.69 23.38 -5.48
C GLN A 190 8.11 24.61 -4.80
N VAL A 191 7.47 24.40 -3.66
CA VAL A 191 6.86 25.47 -2.88
C VAL A 191 7.38 25.37 -1.45
N ASP A 192 7.89 26.50 -0.94
CA ASP A 192 8.38 26.58 0.44
C ASP A 192 9.43 25.51 0.73
N LYS A 193 10.34 25.33 -0.23
CA LYS A 193 11.45 24.38 -0.11
C LYS A 193 10.95 22.94 -0.01
N VAL A 194 9.75 22.67 -0.49
CA VAL A 194 9.20 21.33 -0.57
C VAL A 194 8.92 21.03 -2.04
N ASN A 195 9.49 19.93 -2.54
CA ASN A 195 9.39 19.60 -3.95
C ASN A 195 8.17 18.73 -4.22
N PHE A 196 7.50 19.02 -5.33
CA PHE A 196 6.35 18.23 -5.78
C PHE A 196 6.61 17.74 -7.19
N HIS A 197 6.22 16.50 -7.45
CA HIS A 197 6.25 15.93 -8.80
C HIS A 197 4.81 15.73 -9.26
N MET A 198 4.51 16.18 -10.48
CA MET A 198 3.14 16.24 -10.97
C MET A 198 3.08 15.57 -12.33
N PHE A 199 2.43 14.42 -12.39
CA PHE A 199 2.40 13.56 -13.57
C PHE A 199 1.07 13.70 -14.28
N ASP A 200 1.12 13.69 -15.62
CA ASP A 200 -0.07 13.74 -16.46
C ASP A 200 0.12 12.80 -17.62
N VAL A 201 -0.77 11.83 -17.77
CA VAL A 201 -0.60 10.80 -18.80
C VAL A 201 -0.85 11.42 -20.17
N GLY A 202 0.10 11.23 -21.08
CA GLY A 202 0.03 11.87 -22.38
C GLY A 202 -0.59 11.06 -23.49
N ALA A 203 -0.06 9.86 -23.74
CA ALA A 203 -0.52 9.04 -24.86
C ALA A 203 -0.86 7.65 -24.30
N GLN A 204 -2.08 7.51 -23.81
CA GLN A 204 -2.60 6.23 -23.37
C GLN A 204 -4.02 6.09 -23.91
N ARG A 205 -4.47 4.85 -24.02
CA ARG A 205 -5.79 4.59 -24.59
C ARG A 205 -6.88 5.00 -23.62
N ASP A 206 -8.12 4.86 -24.08
CA ASP A 206 -9.27 5.25 -23.26
C ASP A 206 -9.36 4.41 -22.00
N GLU A 207 -9.10 3.12 -22.10
CA GLU A 207 -9.21 2.23 -20.95
C GLU A 207 -8.06 2.46 -19.99
N ARG A 208 -8.38 2.88 -18.76
CA ARG A 208 -7.36 3.26 -17.80
C ARG A 208 -7.48 2.46 -16.51
N ARG A 209 -8.05 1.26 -16.58
CA ARG A 209 -8.19 0.42 -15.41
C ARG A 209 -6.93 -0.38 -15.09
N LYS A 210 -5.90 -0.29 -15.93
CA LYS A 210 -4.69 -1.08 -15.74
C LYS A 210 -3.46 -0.25 -15.40
N TRP A 211 -3.33 0.96 -15.94
CA TRP A 211 -2.22 1.81 -15.55
C TRP A 211 -2.53 2.72 -14.38
N ILE A 212 -3.78 2.79 -13.94
CA ILE A 212 -4.12 3.58 -12.76
C ILE A 212 -3.62 2.91 -11.49
N GLN A 213 -3.29 1.62 -11.55
CA GLN A 213 -2.78 0.93 -10.37
C GLN A 213 -1.34 1.30 -10.07
N CYS A 214 -0.63 1.88 -11.03
CA CYS A 214 0.73 2.35 -10.77
C CYS A 214 0.74 3.50 -9.77
N PHE A 215 -0.30 4.32 -9.77
CA PHE A 215 -0.38 5.48 -8.88
C PHE A 215 -1.12 5.15 -7.59
N ASN A 216 -0.71 4.10 -6.89
CA ASN A 216 -1.28 3.76 -5.61
C ASN A 216 -0.44 4.25 -4.44
N ASP A 217 0.72 4.85 -4.73
CA ASP A 217 1.61 5.36 -3.70
C ASP A 217 1.79 6.88 -3.77
N VAL A 218 1.10 7.56 -4.68
CA VAL A 218 1.24 9.01 -4.78
C VAL A 218 0.64 9.67 -3.54
N THR A 219 1.10 10.90 -3.28
CA THR A 219 0.61 11.62 -2.12
C THR A 219 -0.87 11.97 -2.26
N ALA A 220 -1.26 12.48 -3.43
CA ALA A 220 -2.63 12.89 -3.66
C ALA A 220 -2.92 12.85 -5.15
N ILE A 221 -4.20 12.75 -5.48
CA ILE A 221 -4.66 12.77 -6.86
C ILE A 221 -5.32 14.12 -7.11
N ILE A 222 -4.80 14.86 -8.09
CA ILE A 222 -5.36 16.16 -8.44
C ILE A 222 -6.38 15.91 -9.55
N PHE A 223 -7.66 15.97 -9.19
CA PHE A 223 -8.75 15.73 -10.14
C PHE A 223 -9.33 17.06 -10.58
N VAL A 224 -9.21 17.36 -11.86
CA VAL A 224 -9.65 18.64 -12.41
C VAL A 224 -10.97 18.43 -13.13
N VAL A 225 -11.96 19.26 -12.80
CA VAL A 225 -13.31 19.16 -13.35
C VAL A 225 -13.67 20.50 -13.98
N ASP A 226 -14.25 20.45 -15.17
CA ASP A 226 -14.78 21.66 -15.81
C ASP A 226 -16.19 21.90 -15.28
N SER A 227 -16.35 22.90 -14.42
CA SER A 227 -17.66 23.17 -13.83
C SER A 227 -18.64 23.73 -14.86
N SER A 228 -18.15 24.52 -15.81
CA SER A 228 -19.03 25.19 -16.76
C SER A 228 -19.27 24.37 -18.03
N ASP A 229 -19.68 23.12 -17.86
CA ASP A 229 -19.99 22.27 -19.01
C ASP A 229 -21.44 21.81 -19.01
N TYR A 230 -21.94 21.31 -17.89
CA TYR A 230 -23.32 20.86 -17.69
C TYR A 230 -23.66 19.63 -18.51
N ASN A 231 -22.78 19.17 -19.39
CA ASN A 231 -23.04 18.04 -20.26
C ASN A 231 -22.19 16.84 -19.90
N ARG A 232 -20.87 17.01 -19.84
CA ARG A 232 -19.96 15.97 -19.39
C ARG A 232 -19.73 16.02 -17.88
N LEU A 233 -20.53 16.82 -17.16
CA LEU A 233 -20.40 16.86 -15.70
C LEU A 233 -20.73 15.51 -15.09
N GLN A 234 -21.76 14.82 -15.60
CA GLN A 234 -22.08 13.49 -15.12
C GLN A 234 -20.95 12.51 -15.43
N GLU A 235 -20.33 12.64 -16.59
CA GLU A 235 -19.15 11.84 -16.89
C GLU A 235 -18.01 12.14 -15.93
N ALA A 236 -17.84 13.42 -15.58
CA ALA A 236 -16.83 13.78 -14.59
C ALA A 236 -17.15 13.18 -13.23
N LEU A 237 -18.44 13.17 -12.86
CA LEU A 237 -18.83 12.58 -11.58
C LEU A 237 -18.55 11.09 -11.54
N ASN A 238 -18.82 10.38 -12.65
CA ASN A 238 -18.56 8.94 -12.69
C ASN A 238 -17.06 8.65 -12.62
N ASP A 239 -16.24 9.48 -13.27
CA ASP A 239 -14.80 9.30 -13.18
C ASP A 239 -14.30 9.46 -11.75
N PHE A 240 -14.85 10.42 -11.02
CA PHE A 240 -14.50 10.59 -9.62
C PHE A 240 -14.96 9.42 -8.78
N LYS A 241 -16.14 8.87 -9.09
CA LYS A 241 -16.68 7.76 -8.31
C LYS A 241 -15.80 6.52 -8.43
N SER A 242 -15.33 6.22 -9.64
CA SER A 242 -14.49 5.04 -9.83
C SER A 242 -13.12 5.23 -9.17
N ILE A 243 -12.59 6.44 -9.22
CA ILE A 243 -11.32 6.73 -8.55
C ILE A 243 -11.48 6.59 -7.04
N TRP A 244 -12.57 7.12 -6.49
CA TRP A 244 -12.78 7.07 -5.05
C TRP A 244 -12.91 5.63 -4.55
N ASN A 245 -13.63 4.79 -5.30
CA ASN A 245 -13.95 3.45 -4.85
C ASN A 245 -12.97 2.38 -5.34
N ASN A 246 -11.94 2.76 -6.08
CA ASN A 246 -10.97 1.78 -6.56
C ASN A 246 -10.26 1.13 -5.39
N ARG A 247 -10.02 -0.18 -5.50
CA ARG A 247 -9.41 -0.92 -4.41
C ARG A 247 -7.99 -0.42 -4.12
N TRP A 248 -7.21 -0.15 -5.16
CA TRP A 248 -5.84 0.27 -4.98
C TRP A 248 -5.69 1.77 -4.74
N LEU A 249 -6.75 2.55 -4.96
CA LEU A 249 -6.76 3.97 -4.66
C LEU A 249 -7.65 4.30 -3.47
N ARG A 250 -7.92 3.32 -2.62
CA ARG A 250 -8.79 3.54 -1.47
C ARG A 250 -8.15 4.44 -0.42
N THR A 251 -6.82 4.60 -0.45
CA THR A 251 -6.12 5.37 0.57
C THR A 251 -5.46 6.62 0.01
N ILE A 252 -5.87 7.07 -1.17
CA ILE A 252 -5.29 8.23 -1.83
C ILE A 252 -6.30 9.38 -1.75
N SER A 253 -5.89 10.48 -1.12
CA SER A 253 -6.75 11.65 -1.05
C SER A 253 -6.80 12.36 -2.40
N VAL A 254 -7.95 12.93 -2.71
CA VAL A 254 -8.20 13.57 -4.00
C VAL A 254 -8.31 15.06 -3.76
N ILE A 255 -7.48 15.83 -4.46
CA ILE A 255 -7.54 17.29 -4.41
C ILE A 255 -8.40 17.73 -5.59
N LEU A 256 -9.64 18.11 -5.31
CA LEU A 256 -10.59 18.45 -6.35
C LEU A 256 -10.41 19.90 -6.79
N PHE A 257 -10.29 20.11 -8.09
CA PHE A 257 -10.10 21.43 -8.68
C PHE A 257 -11.26 21.68 -9.64
N LEU A 258 -12.32 22.30 -9.16
CA LEU A 258 -13.47 22.63 -10.00
C LEU A 258 -13.07 23.79 -10.90
N ASN A 259 -12.44 23.47 -12.01
CA ASN A 259 -11.82 24.46 -12.88
C ASN A 259 -12.86 25.23 -13.67
N LYS A 260 -12.39 26.30 -14.33
CA LYS A 260 -13.21 27.12 -15.21
C LYS A 260 -14.44 27.66 -14.49
N GLN A 261 -14.22 28.27 -13.33
CA GLN A 261 -15.32 28.90 -12.60
C GLN A 261 -15.74 30.20 -13.25
N ASP A 262 -14.83 30.87 -13.96
CA ASP A 262 -15.17 32.14 -14.60
C ASP A 262 -16.22 31.94 -15.69
N LEU A 263 -16.09 30.87 -16.49
CA LEU A 263 -17.08 30.60 -17.52
C LEU A 263 -18.42 30.20 -16.91
N LEU A 264 -18.41 29.62 -15.72
CA LEU A 264 -19.67 29.25 -15.07
C LEU A 264 -20.49 30.49 -14.74
N ALA A 265 -19.83 31.56 -14.31
CA ALA A 265 -20.54 32.80 -14.05
C ALA A 265 -21.21 33.32 -15.31
N GLU A 266 -20.49 33.30 -16.44
CA GLU A 266 -21.07 33.77 -17.69
C GLU A 266 -22.25 32.91 -18.12
N LYS A 267 -22.13 31.59 -17.98
CA LYS A 267 -23.22 30.70 -18.38
C LYS A 267 -24.43 30.87 -17.49
N VAL A 268 -24.22 30.99 -16.18
CA VAL A 268 -25.35 31.14 -15.26
C VAL A 268 -26.00 32.50 -15.42
N LEU A 269 -25.19 33.56 -15.54
CA LEU A 269 -25.74 34.92 -15.64
C LEU A 269 -26.60 35.07 -16.91
N ALA A 270 -26.13 34.51 -18.02
CA ALA A 270 -26.91 34.58 -19.26
C ALA A 270 -28.25 33.87 -19.11
N GLY A 271 -28.24 32.69 -18.48
CA GLY A 271 -29.46 31.97 -18.22
C GLY A 271 -30.03 31.20 -19.39
N LYS A 272 -29.32 31.15 -20.52
CA LYS A 272 -29.84 30.39 -21.66
C LYS A 272 -29.90 28.90 -21.35
N SER A 273 -28.81 28.35 -20.83
CA SER A 273 -28.74 26.94 -20.44
C SER A 273 -29.03 26.81 -18.97
N LYS A 274 -29.95 25.91 -18.62
CA LYS A 274 -30.38 25.70 -17.24
C LYS A 274 -29.81 24.39 -16.73
N ILE A 275 -29.16 24.44 -15.56
CA ILE A 275 -28.59 23.25 -14.97
C ILE A 275 -29.68 22.25 -14.59
N GLU A 276 -30.89 22.73 -14.33
CA GLU A 276 -32.01 21.85 -14.02
C GLU A 276 -32.24 20.82 -15.14
N ASP A 277 -31.94 21.18 -16.39
CA ASP A 277 -32.18 20.28 -17.51
C ASP A 277 -31.32 19.03 -17.46
N TYR A 278 -30.20 19.06 -16.74
CA TYR A 278 -29.31 17.90 -16.62
C TYR A 278 -29.31 17.29 -15.23
N PHE A 279 -29.45 18.10 -14.19
CA PHE A 279 -29.53 17.59 -12.82
C PHE A 279 -30.90 17.92 -12.24
N PRO A 280 -31.82 16.96 -12.21
CA PRO A 280 -33.19 17.28 -11.73
C PRO A 280 -33.23 17.75 -10.30
N GLU A 281 -32.33 17.28 -9.44
CA GLU A 281 -32.33 17.66 -8.03
C GLU A 281 -31.54 18.96 -7.85
N PHE A 282 -32.08 20.02 -8.44
CA PHE A 282 -31.48 21.34 -8.29
C PHE A 282 -32.54 22.36 -7.87
N ALA A 283 -33.80 22.07 -8.15
CA ALA A 283 -34.87 22.97 -7.74
C ALA A 283 -34.95 23.07 -6.23
N ARG A 284 -34.80 21.94 -5.53
CA ARG A 284 -34.89 21.94 -4.07
C ARG A 284 -33.58 22.31 -3.39
N TYR A 285 -32.49 22.43 -4.14
CA TYR A 285 -31.21 22.79 -3.55
C TYR A 285 -31.22 24.25 -3.11
N THR A 286 -30.59 24.51 -1.96
CA THR A 286 -30.49 25.84 -1.38
C THR A 286 -29.03 26.10 -1.03
N THR A 287 -28.60 27.34 -1.20
CA THR A 287 -27.21 27.70 -0.97
C THR A 287 -26.79 27.29 0.44
N PRO A 288 -25.69 26.56 0.60
CA PRO A 288 -25.28 26.13 1.94
C PRO A 288 -24.93 27.32 2.82
N GLU A 289 -25.19 27.15 4.12
CA GLU A 289 -24.95 28.24 5.07
C GLU A 289 -23.47 28.60 5.14
N ASP A 290 -22.59 27.60 5.11
CA ASP A 290 -21.15 27.83 5.19
C ASP A 290 -20.55 28.38 3.91
N ALA A 291 -21.38 28.81 2.95
CA ALA A 291 -20.86 29.37 1.71
C ALA A 291 -20.13 30.67 1.99
N THR A 292 -19.04 30.89 1.26
CA THR A 292 -18.22 32.10 1.38
C THR A 292 -17.98 32.68 -0.01
N PRO A 293 -19.01 33.25 -0.63
CA PRO A 293 -18.84 33.79 -1.98
C PRO A 293 -17.94 35.01 -1.98
N GLU A 294 -17.33 35.25 -3.14
CA GLU A 294 -16.52 36.45 -3.31
C GLU A 294 -17.41 37.69 -3.16
N PRO A 295 -16.93 38.74 -2.51
CA PRO A 295 -17.73 39.97 -2.39
C PRO A 295 -18.10 40.51 -3.77
N GLY A 296 -19.41 40.57 -4.03
CA GLY A 296 -19.92 41.01 -5.31
C GLY A 296 -20.36 39.90 -6.23
N GLU A 297 -20.31 38.64 -5.80
CA GLU A 297 -20.78 37.54 -6.62
C GLU A 297 -22.29 37.42 -6.53
N ASP A 298 -22.93 37.17 -7.68
CA ASP A 298 -24.38 37.09 -7.71
C ASP A 298 -24.85 35.85 -6.95
N PRO A 299 -26.01 35.94 -6.28
CA PRO A 299 -26.52 34.78 -5.57
C PRO A 299 -26.78 33.57 -6.46
N ARG A 300 -27.20 33.79 -7.70
CA ARG A 300 -27.45 32.68 -8.60
C ARG A 300 -26.18 31.91 -8.90
N VAL A 301 -25.07 32.62 -9.11
CA VAL A 301 -23.79 31.95 -9.37
C VAL A 301 -23.34 31.17 -8.15
N THR A 302 -23.48 31.76 -6.96
CA THR A 302 -23.05 31.08 -5.74
C THR A 302 -23.83 29.79 -5.51
N ARG A 303 -25.14 29.82 -5.73
CA ARG A 303 -25.94 28.61 -5.58
C ARG A 303 -25.52 27.55 -6.59
N ALA A 304 -25.24 27.98 -7.83
CA ALA A 304 -24.91 27.02 -8.89
C ALA A 304 -23.53 26.42 -8.68
N LYS A 305 -22.57 27.23 -8.22
CA LYS A 305 -21.20 26.72 -8.09
C LYS A 305 -21.06 25.79 -6.90
N TYR A 306 -21.80 26.05 -5.82
CA TYR A 306 -21.73 25.16 -4.66
C TYR A 306 -22.53 23.89 -4.84
N PHE A 307 -23.51 23.88 -5.76
CA PHE A 307 -24.20 22.64 -6.06
C PHE A 307 -23.27 21.61 -6.68
N ILE A 308 -22.41 22.06 -7.60
CA ILE A 308 -21.45 21.15 -8.22
C ILE A 308 -20.49 20.61 -7.18
N ARG A 309 -20.02 21.47 -6.28
CA ARG A 309 -19.11 21.02 -5.23
C ARG A 309 -19.78 20.00 -4.32
N ASP A 310 -21.04 20.23 -3.96
CA ASP A 310 -21.74 19.30 -3.09
C ASP A 310 -22.09 18.00 -3.82
N GLU A 311 -22.14 18.03 -5.15
CA GLU A 311 -22.36 16.80 -5.90
C GLU A 311 -21.15 15.88 -5.82
N PHE A 312 -19.95 16.45 -5.86
CA PHE A 312 -18.74 15.63 -5.73
C PHE A 312 -18.53 15.18 -4.29
N LEU A 313 -18.77 16.07 -3.33
CA LEU A 313 -18.57 15.71 -1.93
C LEU A 313 -19.59 14.69 -1.44
N ARG A 314 -20.72 14.54 -2.12
CA ARG A 314 -21.65 13.48 -1.77
C ARG A 314 -21.07 12.12 -2.05
N ILE A 315 -20.29 11.99 -3.13
CA ILE A 315 -19.59 10.74 -3.41
C ILE A 315 -18.46 10.53 -2.40
N SER A 316 -17.72 11.59 -2.06
CA SER A 316 -16.57 11.43 -1.19
C SER A 316 -16.99 11.03 0.22
N THR A 317 -18.01 11.68 0.78
CA THR A 317 -18.44 11.39 2.13
C THR A 317 -19.30 10.14 2.23
N ALA A 318 -19.73 9.57 1.09
CA ALA A 318 -20.55 8.38 1.14
C ALA A 318 -19.76 7.17 1.62
N SER A 319 -18.48 7.07 1.24
CA SER A 319 -17.69 5.90 1.58
C SER A 319 -16.33 6.21 2.19
N GLY A 320 -15.88 7.47 2.15
CA GLY A 320 -14.59 7.81 2.74
C GLY A 320 -14.70 8.18 4.20
N ASP A 321 -14.38 7.23 5.09
CA ASP A 321 -14.53 7.49 6.52
C ASP A 321 -13.34 8.28 7.06
N GLY A 322 -12.16 7.67 7.06
CA GLY A 322 -10.97 8.35 7.55
C GLY A 322 -9.70 8.04 6.79
N ARG A 323 -9.79 7.16 5.79
CA ARG A 323 -8.60 6.79 5.04
C ARG A 323 -8.18 7.87 4.07
N HIS A 324 -9.14 8.58 3.48
CA HIS A 324 -8.84 9.64 2.53
C HIS A 324 -10.01 10.62 2.48
N TYR A 325 -9.70 11.84 2.06
CA TYR A 325 -10.66 12.92 2.02
C TYR A 325 -10.60 13.63 0.67
N CYS A 326 -11.58 14.47 0.43
CA CYS A 326 -11.63 15.32 -0.76
C CYS A 326 -11.42 16.76 -0.35
N TYR A 327 -10.73 17.52 -1.19
CA TYR A 327 -10.39 18.93 -0.92
C TYR A 327 -10.84 19.78 -2.09
N PRO A 328 -12.11 20.15 -2.14
CA PRO A 328 -12.61 20.94 -3.27
C PRO A 328 -12.00 22.33 -3.30
N HIS A 329 -11.85 22.86 -4.51
CA HIS A 329 -11.25 24.17 -4.71
C HIS A 329 -11.88 24.82 -5.93
N PHE A 330 -12.45 26.01 -5.75
CA PHE A 330 -13.01 26.76 -6.86
C PHE A 330 -11.89 27.54 -7.53
N THR A 331 -11.62 27.24 -8.80
CA THR A 331 -10.49 27.82 -9.49
C THR A 331 -10.94 28.45 -10.80
N CYS A 332 -10.33 29.59 -11.14
CA CYS A 332 -10.58 30.24 -12.42
C CYS A 332 -9.65 29.64 -13.48
N SER A 333 -9.82 30.12 -14.72
CA SER A 333 -8.95 29.64 -15.79
C SER A 333 -7.49 30.02 -15.53
N VAL A 334 -7.25 31.23 -15.06
CA VAL A 334 -5.92 31.70 -14.68
C VAL A 334 -5.96 32.09 -13.21
N ASP A 335 -4.99 31.59 -12.44
CA ASP A 335 -4.92 31.87 -11.02
C ASP A 335 -3.47 31.79 -10.58
N THR A 336 -2.99 32.83 -9.91
CA THR A 336 -1.59 32.87 -9.49
C THR A 336 -1.33 32.07 -8.22
N GLU A 337 -2.36 31.54 -7.58
CA GLU A 337 -2.22 30.77 -6.34
C GLU A 337 -2.88 29.42 -6.54
N ASN A 338 -2.15 28.49 -7.10
CA ASN A 338 -2.62 27.12 -7.24
C ASN A 338 -1.64 26.10 -6.71
N ALA A 339 -0.33 26.40 -6.77
CA ALA A 339 0.64 25.53 -6.12
C ALA A 339 0.56 25.62 -4.61
N ARG A 340 0.18 26.78 -4.08
CA ARG A 340 -0.02 26.91 -2.64
C ARG A 340 -1.22 26.12 -2.17
N ARG A 341 -2.30 26.09 -2.97
CA ARG A 341 -3.45 25.29 -2.62
C ARG A 341 -3.10 23.81 -2.57
N ILE A 342 -2.30 23.34 -3.52
CA ILE A 342 -1.79 21.97 -3.46
C ILE A 342 -0.87 21.80 -2.27
N PHE A 343 -0.01 22.79 -2.01
CA PHE A 343 0.89 22.70 -0.87
C PHE A 343 0.14 22.70 0.45
N ASN A 344 -0.78 23.65 0.63
CA ASN A 344 -1.53 23.75 1.88
C ASN A 344 -2.45 22.56 2.10
N ASP A 345 -2.67 21.75 1.08
CA ASP A 345 -3.56 20.59 1.17
C ASP A 345 -2.81 19.27 1.14
N CYS A 346 -1.62 19.23 0.55
CA CYS A 346 -0.74 18.09 0.73
C CYS A 346 -0.12 18.09 2.11
N ARG A 347 0.09 19.26 2.69
CA ARG A 347 0.57 19.34 4.07
C ARG A 347 -0.47 18.78 5.03
N ASP A 348 -1.74 19.07 4.78
CA ASP A 348 -2.81 18.50 5.62
C ASP A 348 -2.84 16.99 5.51
N ILE A 349 -2.64 16.46 4.31
CA ILE A 349 -2.65 15.01 4.12
C ILE A 349 -1.52 14.35 4.91
N ILE A 350 -0.33 14.96 4.88
CA ILE A 350 0.81 14.40 5.60
C ILE A 350 0.56 14.43 7.11
N GLN A 351 0.03 15.54 7.61
CA GLN A 351 -0.25 15.63 9.05
C GLN A 351 -1.29 14.61 9.47
N ARG A 352 -2.34 14.43 8.67
CA ARG A 352 -3.39 13.49 9.02
C ARG A 352 -2.87 12.06 9.04
N MET A 353 -2.03 11.70 8.07
CA MET A 353 -1.48 10.35 8.02
C MET A 353 -0.62 10.05 9.24
N HIS A 354 0.22 11.02 9.64
CA HIS A 354 1.06 10.82 10.82
C HIS A 354 0.21 10.75 12.09
N LEU A 355 -0.83 11.57 12.19
CA LEU A 355 -1.73 11.50 13.33
C LEU A 355 -2.44 10.16 13.38
N ARG A 356 -2.89 9.65 12.23
CA ARG A 356 -3.55 8.35 12.19
C ARG A 356 -2.58 7.22 12.49
N GLN A 357 -1.29 7.41 12.18
CA GLN A 357 -0.29 6.41 12.53
C GLN A 357 -0.15 6.28 14.04
N TYR A 358 -0.31 7.39 14.76
CA TYR A 358 -0.25 7.41 16.21
C TYR A 358 -1.59 7.14 16.87
N GLU A 359 -2.63 6.86 16.08
CA GLU A 359 -3.98 6.58 16.56
C GLU A 359 -4.57 7.77 17.31
N LEU A 360 -4.09 8.98 17.04
CA LEU A 360 -4.62 10.18 17.66
C LEU A 360 -5.79 10.79 16.89
N LEU A 361 -6.07 10.30 15.69
CA LEU A 361 -7.16 10.84 14.90
C LEU A 361 -8.29 9.82 14.76
N GLU B 1 -24.17 -6.19 -46.76
CA GLU B 1 -23.07 -5.28 -46.49
C GLU B 1 -22.39 -5.66 -45.17
N LEU B 2 -22.66 -4.90 -44.12
CA LEU B 2 -22.11 -5.22 -42.81
C LEU B 2 -22.73 -6.50 -42.26
N ASP B 3 -24.03 -6.70 -42.49
CA ASP B 3 -24.71 -7.89 -42.00
C ASP B 3 -24.18 -9.15 -42.67
N GLN B 4 -23.77 -9.04 -43.93
CA GLN B 4 -23.26 -10.21 -44.64
C GLN B 4 -21.98 -10.74 -44.00
N LEU B 5 -21.10 -9.83 -43.57
CA LEU B 5 -19.85 -10.27 -42.96
C LEU B 5 -20.06 -10.80 -41.55
N ARG B 6 -20.92 -10.14 -40.77
CA ARG B 6 -21.14 -10.57 -39.40
C ARG B 6 -21.83 -11.93 -39.34
N GLN B 7 -22.68 -12.23 -40.32
CA GLN B 7 -23.35 -13.52 -40.34
C GLN B 7 -22.36 -14.66 -40.54
N GLU B 8 -21.32 -14.43 -41.36
CA GLU B 8 -20.28 -15.43 -41.52
C GLU B 8 -19.44 -15.57 -40.26
N ALA B 9 -19.18 -14.44 -39.58
CA ALA B 9 -18.36 -14.48 -38.37
C ALA B 9 -19.02 -15.31 -37.28
N GLU B 10 -20.33 -15.15 -37.08
CA GLU B 10 -21.04 -15.94 -36.09
C GLU B 10 -21.04 -17.42 -36.46
N GLN B 11 -21.28 -17.72 -37.73
CA GLN B 11 -21.27 -19.12 -38.17
C GLN B 11 -19.88 -19.72 -38.06
N LEU B 12 -18.85 -18.94 -38.40
CA LEU B 12 -17.48 -19.45 -38.34
C LEU B 12 -17.07 -19.79 -36.91
N LYS B 13 -17.44 -18.93 -35.95
CA LYS B 13 -17.17 -19.23 -34.55
C LYS B 13 -17.93 -20.46 -34.10
N ASN B 14 -19.13 -20.67 -34.64
CA ASN B 14 -19.88 -21.89 -34.34
C ASN B 14 -19.15 -23.12 -34.84
N GLN B 15 -18.55 -23.02 -36.03
CA GLN B 15 -17.79 -24.14 -36.58
C GLN B 15 -16.60 -24.51 -35.68
N ILE B 16 -15.89 -23.50 -35.17
CA ILE B 16 -14.76 -23.75 -34.29
C ILE B 16 -15.24 -24.40 -32.99
N ARG B 17 -16.31 -23.87 -32.41
CA ARG B 17 -16.80 -24.41 -31.14
C ARG B 17 -17.24 -25.85 -31.28
N ASP B 18 -17.94 -26.18 -32.37
CA ASP B 18 -18.36 -27.57 -32.57
C ASP B 18 -17.16 -28.47 -32.84
N ALA B 19 -16.17 -27.97 -33.57
CA ALA B 19 -14.98 -28.77 -33.85
C ALA B 19 -14.21 -29.07 -32.57
N ARG B 20 -14.09 -28.09 -31.67
CA ARG B 20 -13.36 -28.30 -30.43
C ARG B 20 -14.05 -29.36 -29.57
N LYS B 21 -15.38 -29.31 -29.48
CA LYS B 21 -16.10 -30.29 -28.68
C LYS B 21 -16.02 -31.68 -29.28
N ALA B 22 -15.82 -31.77 -30.59
CA ALA B 22 -15.71 -33.08 -31.24
C ALA B 22 -14.48 -33.84 -30.74
N CYS B 23 -13.35 -33.15 -30.58
CA CYS B 23 -12.11 -33.78 -30.17
C CYS B 23 -11.90 -33.75 -28.67
N ALA B 24 -12.97 -33.67 -27.88
CA ALA B 24 -12.89 -33.66 -26.42
C ALA B 24 -13.50 -34.97 -25.91
N ASP B 25 -12.65 -36.00 -25.81
CA ASP B 25 -13.12 -37.29 -25.33
C ASP B 25 -13.29 -37.29 -23.82
N ALA B 26 -12.21 -37.06 -23.08
CA ALA B 26 -12.25 -37.01 -21.63
C ALA B 26 -11.41 -35.84 -21.15
N THR B 27 -11.75 -35.33 -19.98
CA THR B 27 -11.03 -34.20 -19.41
C THR B 27 -9.66 -34.66 -18.89
N LEU B 28 -8.79 -33.68 -18.64
CA LEU B 28 -7.49 -33.98 -18.07
C LEU B 28 -7.63 -34.57 -16.68
N SER B 29 -8.59 -34.07 -15.91
CA SER B 29 -8.82 -34.61 -14.56
C SER B 29 -9.28 -36.05 -14.61
N GLN B 30 -10.10 -36.40 -15.61
CA GLN B 30 -10.57 -37.78 -15.73
C GLN B 30 -9.41 -38.73 -15.99
N ILE B 31 -8.48 -38.35 -16.86
CA ILE B 31 -7.33 -39.20 -17.14
C ILE B 31 -6.40 -39.28 -15.94
N THR B 32 -6.17 -38.14 -15.28
CA THR B 32 -5.26 -38.07 -14.15
C THR B 32 -5.90 -38.47 -12.83
N ASN B 33 -7.02 -39.17 -12.85
CA ASN B 33 -7.66 -39.60 -11.61
C ASN B 33 -6.81 -40.64 -10.88
N ASN B 34 -6.04 -41.44 -11.63
CA ASN B 34 -5.21 -42.46 -11.02
C ASN B 34 -3.81 -41.96 -10.66
N ILE B 35 -3.44 -40.74 -11.06
CA ILE B 35 -2.16 -40.18 -10.67
C ILE B 35 -2.20 -39.83 -9.19
N ASP B 36 -1.19 -40.29 -8.45
CA ASP B 36 -1.16 -40.10 -6.96
C ASP B 36 -0.91 -38.63 -6.61
N PRO B 37 -1.54 -38.11 -5.54
CA PRO B 37 -1.40 -36.71 -5.14
C PRO B 37 0.06 -36.33 -5.01
N VAL B 38 0.34 -35.05 -5.29
CA VAL B 38 1.70 -34.53 -5.14
C VAL B 38 2.12 -34.55 -3.68
N GLY B 39 1.22 -34.16 -2.79
CA GLY B 39 1.52 -34.09 -1.37
C GLY B 39 1.76 -32.67 -0.92
N ARG B 40 1.64 -32.47 0.40
CA ARG B 40 1.83 -31.14 0.96
C ARG B 40 3.23 -30.63 0.67
N ILE B 41 3.32 -29.38 0.23
CA ILE B 41 4.56 -28.77 -0.18
C ILE B 41 4.84 -27.59 0.73
N GLN B 42 5.97 -27.63 1.42
CA GLN B 42 6.39 -26.57 2.32
C GLN B 42 7.62 -25.90 1.73
N MET B 43 7.66 -24.58 1.79
CA MET B 43 8.70 -23.78 1.17
C MET B 43 9.27 -22.82 2.20
N ARG B 44 10.58 -22.67 2.22
CA ARG B 44 11.25 -21.79 3.17
C ARG B 44 11.90 -20.63 2.44
N THR B 45 11.70 -19.43 2.95
CA THR B 45 12.33 -18.23 2.37
C THR B 45 13.82 -18.29 2.65
N ARG B 46 14.59 -18.75 1.67
CA ARG B 46 16.03 -18.88 1.86
C ARG B 46 16.70 -17.52 1.94
N ARG B 47 16.38 -16.62 1.02
CA ARG B 47 16.95 -15.28 1.01
C ARG B 47 15.83 -14.25 0.87
N THR B 48 16.08 -13.08 1.46
CA THR B 48 15.20 -11.93 1.30
C THR B 48 16.06 -10.77 0.85
N LEU B 49 15.70 -10.17 -0.28
CA LEU B 49 16.49 -9.10 -0.88
C LEU B 49 15.78 -7.77 -0.68
N ARG B 50 16.46 -6.83 -0.05
CA ARG B 50 15.91 -5.51 0.23
C ARG B 50 16.81 -4.43 -0.38
N GLY B 51 16.20 -3.29 -0.67
CA GLY B 51 16.91 -2.21 -1.31
C GLY B 51 16.06 -1.41 -2.27
N HIS B 52 14.88 -1.94 -2.60
CA HIS B 52 13.91 -1.18 -3.37
C HIS B 52 13.08 -0.32 -2.43
N LEU B 53 12.85 0.93 -2.83
CA LEU B 53 12.11 1.86 -1.98
C LEU B 53 10.61 1.82 -2.22
N ALA B 54 10.17 1.37 -3.39
CA ALA B 54 8.75 1.33 -3.71
C ALA B 54 8.34 -0.05 -4.22
N LYS B 55 7.11 -0.17 -4.70
CA LYS B 55 6.58 -1.46 -5.10
C LYS B 55 7.37 -2.03 -6.28
N ILE B 56 7.48 -3.36 -6.30
CA ILE B 56 8.18 -4.08 -7.36
C ILE B 56 7.16 -4.56 -8.38
N TYR B 57 7.34 -4.14 -9.64
CA TYR B 57 6.45 -4.53 -10.72
C TYR B 57 6.99 -5.64 -11.60
N ALA B 58 8.29 -5.91 -11.60
CA ALA B 58 8.83 -6.89 -12.52
C ALA B 58 10.06 -7.54 -11.93
N MET B 59 10.35 -8.76 -12.40
CA MET B 59 11.56 -9.47 -12.06
C MET B 59 11.80 -10.52 -13.13
N HIS B 60 13.06 -10.90 -13.30
CA HIS B 60 13.42 -11.91 -14.30
C HIS B 60 14.72 -12.58 -13.90
N TRP B 61 14.69 -13.90 -13.79
CA TRP B 61 15.89 -14.65 -13.46
C TRP B 61 16.86 -14.66 -14.64
N GLY B 62 18.14 -14.77 -14.31
CA GLY B 62 19.15 -14.91 -15.33
C GLY B 62 19.19 -16.32 -15.88
N THR B 63 19.91 -16.48 -16.99
CA THR B 63 20.01 -17.78 -17.63
C THR B 63 20.81 -18.77 -16.79
N ASP B 64 21.66 -18.29 -15.88
CA ASP B 64 22.49 -19.15 -15.05
C ASP B 64 21.89 -19.37 -13.67
N SER B 65 20.58 -19.22 -13.52
CA SER B 65 19.89 -19.39 -12.24
C SER B 65 20.48 -18.45 -11.18
N ARG B 66 20.83 -17.25 -11.61
CA ARG B 66 21.50 -16.29 -10.75
C ARG B 66 21.24 -14.90 -11.32
N LEU B 67 21.48 -13.89 -10.48
CA LEU B 67 21.38 -12.49 -10.89
C LEU B 67 19.97 -12.17 -11.40
N LEU B 68 19.00 -12.25 -10.51
CA LEU B 68 17.67 -11.81 -10.85
C LEU B 68 17.64 -10.28 -10.93
N VAL B 69 17.10 -9.75 -12.02
CA VAL B 69 16.95 -8.31 -12.21
C VAL B 69 15.52 -7.94 -11.85
N SER B 70 15.35 -6.90 -11.04
CA SER B 70 14.03 -6.47 -10.60
C SER B 70 13.89 -4.98 -10.79
N ALA B 71 12.68 -4.55 -11.14
CA ALA B 71 12.38 -3.16 -11.43
C ALA B 71 11.29 -2.68 -10.48
N SER B 72 11.44 -1.46 -9.99
CA SER B 72 10.50 -0.89 -9.02
C SER B 72 10.18 0.54 -9.41
N GLN B 73 9.03 1.01 -8.93
CA GLN B 73 8.49 2.32 -9.33
C GLN B 73 9.19 3.49 -8.65
N ASP B 74 10.31 3.29 -7.98
CA ASP B 74 11.10 4.41 -7.51
C ASP B 74 12.16 4.84 -8.51
N GLY B 75 12.20 4.21 -9.68
CA GLY B 75 13.18 4.56 -10.68
C GLY B 75 14.47 3.79 -10.51
N LYS B 76 14.37 2.51 -10.15
CA LYS B 76 15.52 1.67 -9.92
C LYS B 76 15.36 0.35 -10.64
N LEU B 77 16.47 -0.20 -11.10
CA LEU B 77 16.52 -1.50 -11.76
C LEU B 77 17.76 -2.21 -11.21
N ILE B 78 17.58 -2.95 -10.13
CA ILE B 78 18.69 -3.57 -9.41
C ILE B 78 18.90 -4.98 -9.94
N ILE B 79 20.16 -5.37 -10.08
CA ILE B 79 20.53 -6.73 -10.46
C ILE B 79 21.14 -7.39 -9.24
N TRP B 80 20.46 -8.39 -8.70
CA TRP B 80 20.88 -9.04 -7.46
C TRP B 80 21.87 -10.16 -7.77
N ASP B 81 22.14 -11.00 -6.78
CA ASP B 81 22.98 -12.17 -6.95
C ASP B 81 22.35 -13.47 -6.50
N SER B 82 21.41 -13.43 -5.56
CA SER B 82 20.66 -14.59 -5.07
C SER B 82 21.55 -15.56 -4.30
N TYR B 83 22.86 -15.30 -4.32
CA TYR B 83 23.81 -15.92 -3.40
C TYR B 83 24.58 -14.78 -2.76
N THR B 84 24.63 -14.77 -1.43
CA THR B 84 25.26 -13.73 -0.64
C THR B 84 24.58 -12.38 -0.76
N THR B 85 23.48 -12.29 -1.53
CA THR B 85 22.58 -11.16 -1.60
C THR B 85 23.25 -9.91 -2.19
N ASN B 86 24.54 -9.99 -2.55
CA ASN B 86 25.25 -8.83 -3.06
C ASN B 86 24.56 -8.26 -4.30
N LYS B 87 24.45 -6.94 -4.35
CA LYS B 87 23.89 -6.24 -5.50
C LYS B 87 24.99 -6.01 -6.51
N VAL B 88 24.69 -6.23 -7.78
CA VAL B 88 25.68 -6.08 -8.83
C VAL B 88 25.53 -4.75 -9.56
N HIS B 89 24.29 -4.29 -9.77
CA HIS B 89 24.04 -3.03 -10.44
C HIS B 89 22.80 -2.38 -9.85
N ALA B 90 22.73 -1.07 -9.97
CA ALA B 90 21.62 -0.25 -9.48
C ALA B 90 21.21 0.76 -10.54
N ILE B 91 20.99 0.28 -11.75
CA ILE B 91 20.74 1.11 -12.93
C ILE B 91 19.58 2.06 -12.67
N PRO B 92 19.78 3.37 -12.80
CA PRO B 92 18.66 4.32 -12.63
C PRO B 92 17.95 4.58 -13.94
N LEU B 93 16.62 4.68 -13.86
CA LEU B 93 15.77 4.82 -15.02
C LEU B 93 15.43 6.28 -15.29
N ARG B 94 15.24 6.60 -16.57
CA ARG B 94 14.80 7.94 -16.95
C ARG B 94 13.39 8.22 -16.46
N SER B 95 12.51 7.22 -16.52
CA SER B 95 11.14 7.34 -16.06
C SER B 95 10.94 6.52 -14.79
N SER B 96 10.37 7.14 -13.76
CA SER B 96 10.17 6.45 -12.49
C SER B 96 9.14 5.35 -12.58
N TRP B 97 8.28 5.35 -13.60
CA TRP B 97 7.20 4.38 -13.72
C TRP B 97 7.64 3.28 -14.66
N VAL B 98 7.88 2.08 -14.11
CA VAL B 98 8.33 0.93 -14.88
C VAL B 98 7.40 -0.25 -14.57
N MET B 99 6.85 -0.86 -15.62
CA MET B 99 5.91 -1.95 -15.48
C MET B 99 6.46 -3.29 -15.91
N THR B 100 7.70 -3.35 -16.38
CA THR B 100 8.25 -4.62 -16.85
C THR B 100 9.78 -4.55 -16.83
N CYS B 101 10.39 -5.72 -16.92
CA CYS B 101 11.84 -5.83 -16.95
C CYS B 101 12.21 -7.15 -17.61
N ALA B 102 13.44 -7.25 -18.07
CA ALA B 102 13.89 -8.44 -18.78
C ALA B 102 15.38 -8.63 -18.57
N TYR B 103 15.81 -9.87 -18.76
CA TYR B 103 17.22 -10.25 -18.75
C TYR B 103 17.51 -11.04 -20.01
N ALA B 104 18.50 -10.60 -20.77
CA ALA B 104 18.82 -11.26 -22.02
C ALA B 104 19.33 -12.67 -21.75
N PRO B 105 19.03 -13.62 -22.65
CA PRO B 105 19.54 -14.98 -22.45
C PRO B 105 21.06 -15.04 -22.41
N SER B 106 21.75 -14.17 -23.14
CA SER B 106 23.20 -14.13 -23.07
C SER B 106 23.71 -13.49 -21.80
N GLY B 107 22.89 -12.72 -21.10
CA GLY B 107 23.30 -12.08 -19.87
C GLY B 107 24.03 -10.77 -20.05
N ASN B 108 24.15 -10.26 -21.27
CA ASN B 108 24.84 -9.01 -21.51
C ASN B 108 23.91 -7.80 -21.45
N TYR B 109 22.65 -7.96 -21.83
CA TYR B 109 21.72 -6.84 -21.95
C TYR B 109 20.57 -7.01 -20.97
N VAL B 110 20.00 -5.90 -20.56
CA VAL B 110 18.82 -5.87 -19.68
C VAL B 110 17.86 -4.82 -20.21
N ALA B 111 16.61 -5.21 -20.43
CA ALA B 111 15.62 -4.29 -20.95
C ALA B 111 14.78 -3.72 -19.81
N CYS B 112 13.88 -2.81 -20.18
CA CYS B 112 13.02 -2.13 -19.22
C CYS B 112 11.80 -1.63 -19.98
N GLY B 113 11.06 -0.72 -19.37
CA GLY B 113 9.89 -0.13 -20.01
C GLY B 113 8.71 -0.12 -19.07
N GLY B 114 7.82 0.84 -19.27
CA GLY B 114 6.69 1.01 -18.40
C GLY B 114 5.71 2.04 -18.91
N LEU B 115 5.24 2.91 -18.03
CA LEU B 115 4.24 3.90 -18.42
C LEU B 115 4.90 5.03 -19.20
N ASP B 116 5.74 4.69 -20.17
CA ASP B 116 6.41 5.67 -20.99
C ASP B 116 6.47 5.26 -22.45
N ASN B 117 5.86 4.13 -22.82
CA ASN B 117 5.79 3.63 -24.19
C ASN B 117 7.17 3.39 -24.79
N ILE B 118 8.21 3.29 -23.97
CA ILE B 118 9.58 3.16 -24.46
C ILE B 118 10.23 1.98 -23.76
N CYS B 119 10.86 1.10 -24.53
CA CYS B 119 11.54 -0.08 -24.01
C CYS B 119 13.04 0.19 -23.97
N SER B 120 13.47 0.88 -22.92
CA SER B 120 14.88 1.17 -22.75
C SER B 120 15.68 -0.11 -22.58
N ILE B 121 16.87 -0.15 -23.18
CA ILE B 121 17.70 -1.35 -23.16
C ILE B 121 19.10 -0.96 -22.71
N TYR B 122 19.64 -1.69 -21.74
CA TYR B 122 20.89 -1.35 -21.08
C TYR B 122 21.96 -2.39 -21.42
N ASN B 123 23.18 -1.90 -21.63
CA ASN B 123 24.34 -2.74 -21.91
C ASN B 123 25.12 -2.90 -20.61
N LEU B 124 25.05 -4.08 -20.01
CA LEU B 124 25.70 -4.29 -18.72
C LEU B 124 27.22 -4.36 -18.86
N LYS B 125 27.70 -5.08 -19.87
CA LYS B 125 29.13 -5.33 -20.03
C LYS B 125 29.73 -4.32 -21.01
N THR B 126 29.77 -3.07 -20.55
CA THR B 126 30.40 -2.02 -21.34
C THR B 126 31.92 -2.10 -21.22
N ARG B 127 32.60 -1.41 -22.13
CA ARG B 127 34.06 -1.42 -22.13
C ARG B 127 34.61 -0.80 -20.85
N GLU B 128 34.01 0.29 -20.38
CA GLU B 128 34.47 0.97 -19.18
C GLU B 128 33.79 0.47 -17.91
N GLY B 129 32.91 -0.52 -18.02
CA GLY B 129 32.24 -1.07 -16.86
C GLY B 129 31.06 -0.26 -16.36
N ASN B 130 30.70 0.82 -17.04
CA ASN B 130 29.59 1.67 -16.64
C ASN B 130 28.37 1.36 -17.50
N VAL B 131 27.25 1.11 -16.85
CA VAL B 131 26.03 0.74 -17.57
C VAL B 131 25.37 1.99 -18.13
N ARG B 132 25.10 1.98 -19.44
CA ARG B 132 24.47 3.09 -20.12
C ARG B 132 23.40 2.55 -21.04
N VAL B 133 22.35 3.36 -21.24
CA VAL B 133 21.27 2.95 -22.12
C VAL B 133 21.78 2.81 -23.54
N SER B 134 21.58 1.63 -24.12
CA SER B 134 22.08 1.33 -25.46
C SER B 134 21.07 1.63 -26.55
N ARG B 135 19.79 1.42 -26.28
CA ARG B 135 18.76 1.68 -27.28
C ARG B 135 17.47 2.07 -26.56
N GLU B 136 16.67 2.89 -27.23
CA GLU B 136 15.39 3.35 -26.71
C GLU B 136 14.34 3.03 -27.77
N LEU B 137 13.79 1.81 -27.72
CA LEU B 137 12.87 1.34 -28.74
C LEU B 137 11.52 2.04 -28.56
N ALA B 138 11.28 3.05 -29.37
CA ALA B 138 10.04 3.81 -29.33
C ALA B 138 9.20 3.49 -30.56
N GLY B 139 7.89 3.70 -30.43
CA GLY B 139 6.97 3.39 -31.50
C GLY B 139 5.64 2.85 -31.00
N HIS B 140 5.62 2.35 -29.77
CA HIS B 140 4.36 1.92 -29.18
C HIS B 140 3.54 3.12 -28.77
N THR B 141 2.22 2.97 -28.81
CA THR B 141 1.33 4.06 -28.42
C THR B 141 1.00 4.01 -26.93
N GLY B 142 0.49 2.88 -26.45
CA GLY B 142 0.19 2.71 -25.05
C GLY B 142 1.41 2.29 -24.26
N TYR B 143 1.20 2.13 -22.94
CA TYR B 143 2.27 1.73 -22.05
C TYR B 143 2.82 0.36 -22.43
N LEU B 144 3.93 0.00 -21.81
CA LEU B 144 4.58 -1.28 -22.05
C LEU B 144 4.33 -2.21 -20.87
N SER B 145 3.87 -3.42 -21.17
CA SER B 145 3.50 -4.38 -20.12
C SER B 145 4.51 -5.48 -19.94
N CYS B 146 5.11 -5.99 -21.01
CA CYS B 146 6.10 -7.05 -20.90
C CYS B 146 7.00 -7.01 -22.11
N CYS B 147 8.24 -7.45 -21.91
CA CYS B 147 9.21 -7.51 -22.98
C CYS B 147 10.15 -8.68 -22.71
N ARG B 148 10.17 -9.65 -23.60
CA ARG B 148 11.01 -10.84 -23.45
C ARG B 148 12.11 -10.80 -24.50
N PHE B 149 13.34 -11.04 -24.07
CA PHE B 149 14.49 -10.98 -24.95
C PHE B 149 14.54 -12.24 -25.79
N LEU B 150 13.98 -12.17 -26.99
CA LEU B 150 14.09 -13.25 -27.96
C LEU B 150 15.41 -13.07 -28.70
N ASP B 151 16.43 -13.82 -28.29
CA ASP B 151 17.78 -13.71 -28.83
C ASP B 151 18.40 -12.36 -28.46
N ASP B 152 19.73 -12.28 -28.46
CA ASP B 152 20.42 -11.08 -28.00
C ASP B 152 20.22 -9.88 -28.93
N ASN B 153 19.68 -10.08 -30.13
CA ASN B 153 19.54 -9.00 -31.10
C ASN B 153 18.09 -8.60 -31.34
N GLN B 154 17.12 -9.36 -30.84
CA GLN B 154 15.71 -9.06 -31.01
C GLN B 154 15.03 -9.07 -29.65
N ILE B 155 13.84 -8.48 -29.60
CA ILE B 155 13.07 -8.42 -28.36
C ILE B 155 11.60 -8.22 -28.70
N VAL B 156 10.74 -9.00 -28.06
CA VAL B 156 9.30 -8.91 -28.28
C VAL B 156 8.70 -8.13 -27.13
N THR B 157 8.08 -7.00 -27.44
CA THR B 157 7.47 -6.14 -26.44
C THR B 157 5.96 -6.16 -26.60
N SER B 158 5.24 -6.33 -25.51
CA SER B 158 3.78 -6.29 -25.49
C SER B 158 3.35 -4.97 -24.86
N SER B 159 2.58 -4.19 -25.59
CA SER B 159 2.21 -2.85 -25.16
C SER B 159 0.73 -2.80 -24.79
N GLY B 160 0.34 -1.67 -24.22
CA GLY B 160 -1.03 -1.42 -23.84
C GLY B 160 -1.91 -0.85 -24.90
N ASP B 161 -1.40 -0.72 -26.13
CA ASP B 161 -2.22 -0.28 -27.27
C ASP B 161 -2.70 -1.44 -28.11
N THR B 162 -2.96 -2.59 -27.47
CA THR B 162 -3.51 -3.77 -28.12
C THR B 162 -2.60 -4.31 -29.23
N THR B 163 -1.29 -4.22 -29.04
CA THR B 163 -0.35 -4.73 -30.03
C THR B 163 0.85 -5.35 -29.33
N CYS B 164 1.49 -6.28 -30.02
CA CYS B 164 2.80 -6.80 -29.66
C CYS B 164 3.71 -6.63 -30.87
N ALA B 165 4.98 -6.30 -30.62
CA ALA B 165 5.90 -6.00 -31.69
C ALA B 165 7.22 -6.71 -31.46
N LEU B 166 7.91 -7.00 -32.56
CA LEU B 166 9.25 -7.60 -32.52
C LEU B 166 10.24 -6.57 -33.03
N TRP B 167 11.20 -6.20 -32.20
CA TRP B 167 12.16 -5.16 -32.53
C TRP B 167 13.50 -5.76 -32.95
N ASP B 168 14.25 -4.96 -33.70
CA ASP B 168 15.65 -5.25 -34.00
C ASP B 168 16.49 -4.19 -33.32
N ILE B 169 17.42 -4.64 -32.47
CA ILE B 169 18.11 -3.71 -31.57
C ILE B 169 18.96 -2.73 -32.35
N GLU B 170 19.74 -3.23 -33.30
CA GLU B 170 20.66 -2.37 -34.05
C GLU B 170 19.89 -1.35 -34.88
N THR B 171 18.86 -1.79 -35.58
CA THR B 171 18.07 -0.87 -36.38
C THR B 171 17.14 -0.02 -35.54
N GLY B 172 16.65 -0.57 -34.42
CA GLY B 172 15.75 0.19 -33.57
C GLY B 172 14.37 0.39 -34.11
N GLN B 173 13.93 -0.48 -35.02
CA GLN B 173 12.63 -0.33 -35.67
C GLN B 173 11.84 -1.63 -35.54
N GLN B 174 10.51 -1.50 -35.65
CA GLN B 174 9.62 -2.65 -35.55
C GLN B 174 9.78 -3.54 -36.78
N THR B 175 10.45 -4.68 -36.61
CA THR B 175 10.59 -5.61 -37.72
C THR B 175 9.23 -6.16 -38.15
N THR B 176 8.39 -6.54 -37.19
CA THR B 176 7.04 -6.97 -37.48
C THR B 176 6.14 -6.62 -36.30
N THR B 177 4.85 -6.42 -36.60
CA THR B 177 3.87 -6.05 -35.59
C THR B 177 2.70 -7.03 -35.65
N PHE B 178 2.24 -7.45 -34.48
CA PHE B 178 1.16 -8.43 -34.36
C PHE B 178 -0.11 -7.70 -33.94
N THR B 179 -0.88 -7.25 -34.91
CA THR B 179 -2.13 -6.53 -34.64
C THR B 179 -3.23 -7.54 -34.32
N GLY B 180 -3.36 -7.84 -33.03
CA GLY B 180 -4.30 -8.84 -32.57
C GLY B 180 -5.42 -8.34 -31.70
N HIS B 181 -5.22 -8.47 -30.38
CA HIS B 181 -6.25 -8.25 -29.38
C HIS B 181 -6.95 -6.90 -29.50
N THR B 182 -8.14 -6.79 -28.93
CA THR B 182 -8.88 -5.54 -28.86
C THR B 182 -8.66 -4.81 -27.54
N GLY B 183 -7.86 -5.38 -26.63
CA GLY B 183 -7.59 -4.73 -25.36
C GLY B 183 -6.10 -4.75 -25.08
N ASP B 184 -5.74 -4.12 -23.95
CA ASP B 184 -4.33 -4.05 -23.56
C ASP B 184 -3.74 -5.44 -23.46
N VAL B 185 -2.52 -5.60 -23.97
CA VAL B 185 -1.78 -6.84 -23.79
C VAL B 185 -1.02 -6.75 -22.48
N MET B 186 -1.36 -7.61 -21.52
CA MET B 186 -0.83 -7.49 -20.18
C MET B 186 0.37 -8.39 -19.90
N SER B 187 0.56 -9.45 -20.69
CA SER B 187 1.65 -10.37 -20.40
C SER B 187 2.07 -11.09 -21.67
N LEU B 188 3.24 -11.71 -21.60
CA LEU B 188 3.88 -12.29 -22.76
C LEU B 188 4.80 -13.41 -22.29
N SER B 189 4.98 -14.42 -23.14
CA SER B 189 5.87 -15.52 -22.81
C SER B 189 6.24 -16.27 -24.08
N LEU B 190 7.53 -16.35 -24.37
CA LEU B 190 7.99 -17.02 -25.58
C LEU B 190 8.07 -18.52 -25.37
N ALA B 191 7.91 -19.27 -26.46
CA ALA B 191 8.02 -20.71 -26.40
C ALA B 191 9.47 -21.12 -26.14
N PRO B 192 9.69 -22.31 -25.60
CA PRO B 192 11.07 -22.76 -25.36
C PRO B 192 11.91 -22.82 -26.61
N ASP B 193 11.31 -23.01 -27.78
CA ASP B 193 12.03 -23.03 -29.05
C ASP B 193 12.29 -21.64 -29.60
N THR B 194 11.76 -20.59 -28.96
CA THR B 194 11.90 -19.20 -29.38
C THR B 194 11.32 -18.94 -30.76
N ARG B 195 10.39 -19.78 -31.21
CA ARG B 195 9.72 -19.61 -32.50
C ARG B 195 8.33 -18.99 -32.34
N LEU B 196 7.49 -19.56 -31.49
CA LEU B 196 6.18 -19.01 -31.20
C LEU B 196 6.19 -18.30 -29.87
N PHE B 197 5.14 -17.53 -29.62
CA PHE B 197 4.91 -16.96 -28.30
C PHE B 197 3.43 -16.68 -28.14
N VAL B 198 3.03 -16.43 -26.90
CA VAL B 198 1.63 -16.19 -26.56
C VAL B 198 1.54 -14.85 -25.85
N SER B 199 0.31 -14.39 -25.67
CA SER B 199 0.07 -13.10 -25.03
C SER B 199 -1.34 -13.05 -24.50
N GLY B 200 -1.47 -12.80 -23.19
CA GLY B 200 -2.76 -12.62 -22.57
C GLY B 200 -3.12 -11.14 -22.55
N ALA B 201 -4.36 -10.85 -22.88
CA ALA B 201 -4.81 -9.48 -23.03
C ALA B 201 -5.92 -9.16 -22.04
N CYS B 202 -6.48 -7.97 -22.17
CA CYS B 202 -7.58 -7.51 -21.32
C CYS B 202 -8.95 -7.86 -21.89
N ASP B 203 -9.00 -8.62 -22.98
CA ASP B 203 -10.26 -9.09 -23.54
C ASP B 203 -10.54 -10.55 -23.18
N ALA B 204 -9.83 -11.09 -22.19
CA ALA B 204 -10.01 -12.45 -21.71
C ALA B 204 -9.75 -13.48 -22.82
N SER B 205 -8.70 -13.24 -23.61
CA SER B 205 -8.33 -14.16 -24.67
C SER B 205 -6.82 -14.09 -24.87
N ALA B 206 -6.17 -15.26 -24.90
CA ALA B 206 -4.75 -15.36 -25.13
C ALA B 206 -4.50 -15.98 -26.49
N LYS B 207 -3.81 -15.25 -27.36
CA LYS B 207 -3.54 -15.70 -28.71
C LYS B 207 -2.18 -16.37 -28.80
N LEU B 208 -1.91 -16.97 -29.95
CA LEU B 208 -0.63 -17.61 -30.23
C LEU B 208 -0.11 -17.11 -31.57
N TRP B 209 1.11 -16.59 -31.57
CA TRP B 209 1.68 -15.95 -32.76
C TRP B 209 2.85 -16.76 -33.28
N ASP B 210 3.10 -16.60 -34.57
CA ASP B 210 4.31 -17.10 -35.22
C ASP B 210 5.23 -15.91 -35.47
N VAL B 211 6.39 -15.92 -34.80
CA VAL B 211 7.29 -14.77 -34.88
C VAL B 211 7.75 -14.55 -36.32
N ARG B 212 8.10 -15.64 -37.02
CA ARG B 212 8.59 -15.51 -38.39
C ARG B 212 7.48 -15.09 -39.34
N GLU B 213 6.33 -15.77 -39.27
CA GLU B 213 5.23 -15.45 -40.18
C GLU B 213 4.59 -14.12 -39.83
N GLY B 214 4.35 -13.87 -38.54
CA GLY B 214 3.85 -12.58 -38.10
C GLY B 214 2.36 -12.49 -37.87
N MET B 215 1.62 -13.59 -38.01
CA MET B 215 0.17 -13.57 -37.84
C MET B 215 -0.25 -14.60 -36.81
N CYS B 216 -1.35 -14.31 -36.12
CA CYS B 216 -1.85 -15.19 -35.08
C CYS B 216 -2.30 -16.52 -35.66
N ARG B 217 -1.99 -17.60 -34.95
CA ARG B 217 -2.34 -18.95 -35.37
C ARG B 217 -3.62 -19.45 -34.71
N GLN B 218 -3.70 -19.35 -33.38
CA GLN B 218 -4.87 -19.81 -32.64
C GLN B 218 -5.26 -18.77 -31.61
N THR B 219 -6.55 -18.77 -31.27
CA THR B 219 -7.08 -17.88 -30.23
C THR B 219 -7.80 -18.72 -29.19
N PHE B 220 -7.48 -18.49 -27.92
CA PHE B 220 -8.04 -19.25 -26.81
C PHE B 220 -8.93 -18.34 -25.98
N THR B 221 -10.18 -18.74 -25.77
CA THR B 221 -11.17 -17.96 -25.05
C THR B 221 -11.83 -18.87 -24.02
N GLY B 222 -11.34 -18.86 -22.78
CA GLY B 222 -11.97 -19.61 -21.72
C GLY B 222 -12.17 -18.78 -20.46
N HIS B 223 -11.52 -17.62 -20.39
CA HIS B 223 -11.57 -16.80 -19.21
C HIS B 223 -12.81 -15.91 -19.23
N GLU B 224 -12.96 -15.09 -18.18
CA GLU B 224 -14.07 -14.16 -18.10
C GLU B 224 -13.66 -12.78 -17.59
N SER B 225 -12.37 -12.46 -17.62
CA SER B 225 -11.88 -11.16 -17.21
C SER B 225 -10.49 -10.97 -17.78
N ASP B 226 -9.90 -9.81 -17.52
CA ASP B 226 -8.57 -9.50 -18.06
C ASP B 226 -7.55 -10.53 -17.61
N ILE B 227 -6.72 -10.98 -18.55
CA ILE B 227 -5.64 -11.90 -18.25
C ILE B 227 -4.43 -11.09 -17.80
N ASN B 228 -3.96 -11.35 -16.59
CA ASN B 228 -2.87 -10.57 -16.01
C ASN B 228 -1.51 -11.17 -16.28
N ALA B 229 -1.42 -12.50 -16.39
CA ALA B 229 -0.13 -13.15 -16.57
C ALA B 229 -0.33 -14.44 -17.33
N ILE B 230 0.75 -14.93 -17.94
CA ILE B 230 0.68 -16.11 -18.78
C ILE B 230 2.08 -16.72 -18.84
N CYS B 231 2.13 -18.05 -18.85
CA CYS B 231 3.39 -18.77 -18.89
C CYS B 231 3.38 -19.81 -20.00
N PHE B 232 4.38 -20.68 -20.03
CA PHE B 232 4.44 -21.81 -20.97
C PHE B 232 4.77 -23.08 -20.23
N PHE B 233 4.15 -24.17 -20.66
CA PHE B 233 4.58 -25.48 -20.23
C PHE B 233 5.99 -25.75 -20.75
N PRO B 234 6.84 -26.41 -19.95
CA PRO B 234 8.24 -26.57 -20.35
C PRO B 234 8.43 -27.28 -21.69
N ASN B 235 7.50 -28.13 -22.10
CA ASN B 235 7.63 -28.77 -23.41
C ASN B 235 7.19 -27.88 -24.55
N GLY B 236 6.49 -26.78 -24.26
CA GLY B 236 6.07 -25.85 -25.29
C GLY B 236 4.78 -26.19 -25.97
N ASN B 237 4.03 -27.18 -25.49
CA ASN B 237 2.76 -27.57 -26.08
C ASN B 237 1.57 -27.29 -25.18
N ALA B 238 1.75 -26.44 -24.17
CA ALA B 238 0.65 -26.02 -23.30
C ALA B 238 1.05 -24.72 -22.62
N PHE B 239 0.08 -24.04 -22.05
CA PHE B 239 0.37 -22.83 -21.30
C PHE B 239 -0.74 -22.57 -20.31
N ALA B 240 -0.44 -21.77 -19.30
CA ALA B 240 -1.36 -21.45 -18.22
C ALA B 240 -1.47 -19.94 -18.08
N THR B 241 -2.69 -19.46 -17.86
CA THR B 241 -2.96 -18.04 -17.74
C THR B 241 -3.71 -17.77 -16.45
N GLY B 242 -3.46 -16.62 -15.85
CA GLY B 242 -4.15 -16.18 -14.64
C GLY B 242 -4.85 -14.86 -14.87
N SER B 243 -6.09 -14.78 -14.41
CA SER B 243 -6.90 -13.60 -14.70
C SER B 243 -7.48 -12.98 -13.45
N ASP B 244 -8.38 -12.01 -13.62
CA ASP B 244 -8.92 -11.26 -12.51
C ASP B 244 -10.05 -11.98 -11.77
N ASP B 245 -10.49 -13.13 -12.27
CA ASP B 245 -11.50 -13.92 -11.58
C ASP B 245 -10.90 -14.98 -10.67
N ALA B 246 -9.62 -14.84 -10.32
CA ALA B 246 -8.93 -15.77 -9.43
C ALA B 246 -8.98 -17.20 -9.97
N THR B 247 -8.84 -17.34 -11.28
CA THR B 247 -8.77 -18.65 -11.92
C THR B 247 -7.50 -18.72 -12.76
N CYS B 248 -6.83 -19.86 -12.68
CA CYS B 248 -5.72 -20.19 -13.57
C CYS B 248 -6.16 -21.32 -14.48
N ARG B 249 -6.06 -21.11 -15.79
CA ARG B 249 -6.56 -22.06 -16.77
C ARG B 249 -5.40 -22.58 -17.60
N LEU B 250 -5.31 -23.90 -17.72
CA LEU B 250 -4.25 -24.56 -18.48
C LEU B 250 -4.77 -24.88 -19.87
N PHE B 251 -4.37 -24.08 -20.85
CA PHE B 251 -4.77 -24.31 -22.23
C PHE B 251 -3.81 -25.27 -22.91
N ASP B 252 -4.28 -25.87 -24.00
CA ASP B 252 -3.50 -26.83 -24.77
C ASP B 252 -3.41 -26.36 -26.22
N LEU B 253 -2.24 -26.53 -26.83
CA LEU B 253 -2.03 -26.05 -28.17
C LEU B 253 -2.65 -26.98 -29.21
N ARG B 254 -2.25 -28.25 -29.20
CA ARG B 254 -2.77 -29.18 -30.20
C ARG B 254 -4.27 -29.39 -30.06
N ALA B 255 -4.75 -29.56 -28.82
CA ALA B 255 -6.18 -29.70 -28.61
C ALA B 255 -6.92 -28.38 -28.78
N ASP B 256 -6.20 -27.26 -28.75
CA ASP B 256 -6.75 -25.94 -29.05
C ASP B 256 -7.90 -25.57 -28.11
N GLN B 257 -7.84 -26.03 -26.87
CA GLN B 257 -8.90 -25.72 -25.92
C GLN B 257 -8.37 -25.86 -24.51
N GLU B 258 -9.07 -25.25 -23.57
CA GLU B 258 -8.66 -25.31 -22.17
C GLU B 258 -8.82 -26.73 -21.63
N LEU B 259 -8.01 -27.06 -20.63
CA LEU B 259 -8.02 -28.38 -20.02
C LEU B 259 -8.45 -28.36 -18.58
N MET B 260 -7.83 -27.53 -17.74
CA MET B 260 -8.19 -27.45 -16.34
C MET B 260 -8.28 -25.99 -15.93
N THR B 261 -9.08 -25.72 -14.91
CA THR B 261 -9.22 -24.39 -14.32
C THR B 261 -8.92 -24.52 -12.83
N TYR B 262 -7.73 -24.07 -12.43
CA TYR B 262 -7.32 -24.14 -11.03
C TYR B 262 -7.95 -22.97 -10.28
N SER B 263 -8.83 -23.27 -9.33
CA SER B 263 -9.51 -22.23 -8.57
C SER B 263 -10.01 -22.83 -7.26
N HIS B 264 -10.52 -21.95 -6.41
CA HIS B 264 -11.11 -22.34 -5.15
C HIS B 264 -12.22 -21.35 -4.81
N ASP B 265 -13.16 -21.79 -3.96
CA ASP B 265 -14.24 -20.91 -3.55
C ASP B 265 -13.78 -19.88 -2.53
N ASN B 266 -12.65 -20.10 -1.87
CA ASN B 266 -12.11 -19.16 -0.90
C ASN B 266 -11.19 -18.12 -1.53
N ILE B 267 -11.01 -18.15 -2.84
CA ILE B 267 -10.13 -17.22 -3.55
C ILE B 267 -10.98 -16.40 -4.50
N ILE B 268 -10.96 -15.08 -4.32
CA ILE B 268 -11.75 -14.19 -5.15
C ILE B 268 -10.89 -13.02 -5.62
N CYS B 269 -9.60 -13.07 -5.32
CA CYS B 269 -8.74 -11.90 -5.50
C CYS B 269 -8.33 -11.71 -6.96
N GLY B 270 -7.59 -12.66 -7.51
CA GLY B 270 -7.14 -12.52 -8.89
C GLY B 270 -5.64 -12.63 -9.07
N ILE B 271 -5.21 -13.50 -9.98
CA ILE B 271 -3.81 -13.82 -10.16
C ILE B 271 -3.08 -12.64 -10.79
N THR B 272 -1.83 -12.43 -10.39
CA THR B 272 -0.97 -11.43 -10.99
C THR B 272 0.24 -12.01 -11.72
N SER B 273 0.67 -13.22 -11.37
CA SER B 273 1.82 -13.84 -12.00
C SER B 273 1.71 -15.35 -11.89
N VAL B 274 2.10 -16.06 -12.95
CA VAL B 274 2.13 -17.51 -12.96
C VAL B 274 3.50 -17.97 -13.45
N SER B 275 3.87 -19.19 -13.08
CA SER B 275 5.12 -19.79 -13.50
C SER B 275 5.10 -21.26 -13.16
N PHE B 276 5.52 -22.09 -14.10
CA PHE B 276 5.61 -23.53 -13.89
C PHE B 276 6.91 -23.90 -13.19
N SER B 277 6.95 -25.13 -12.67
CA SER B 277 8.18 -25.66 -12.12
C SER B 277 9.09 -26.12 -13.26
N LYS B 278 10.23 -26.73 -12.90
CA LYS B 278 11.18 -27.17 -13.92
C LYS B 278 10.57 -28.25 -14.80
N SER B 279 9.88 -29.22 -14.20
CA SER B 279 9.28 -30.32 -14.94
C SER B 279 7.85 -30.05 -15.37
N GLY B 280 7.26 -28.94 -14.93
CA GLY B 280 5.90 -28.60 -15.29
C GLY B 280 4.83 -29.19 -14.41
N ARG B 281 5.19 -30.04 -13.45
CA ARG B 281 4.20 -30.66 -12.59
C ARG B 281 3.53 -29.61 -11.70
N LEU B 282 4.30 -28.68 -11.16
CA LEU B 282 3.76 -27.64 -10.30
C LEU B 282 3.41 -26.40 -11.10
N LEU B 283 2.47 -25.62 -10.58
CA LEU B 283 2.12 -24.33 -11.16
C LEU B 283 1.96 -23.33 -10.03
N LEU B 284 2.90 -22.41 -9.92
CA LEU B 284 2.83 -21.35 -8.92
C LEU B 284 2.08 -20.17 -9.49
N ALA B 285 1.23 -19.55 -8.66
CA ALA B 285 0.42 -18.44 -9.09
C ALA B 285 0.44 -17.35 -8.03
N GLY B 286 0.95 -16.18 -8.38
CA GLY B 286 1.01 -15.08 -7.44
C GLY B 286 -0.29 -14.34 -7.32
N TYR B 287 -1.01 -14.53 -6.23
CA TYR B 287 -2.35 -14.01 -6.08
C TYR B 287 -2.32 -12.60 -5.48
N ASP B 288 -3.47 -11.94 -5.57
CA ASP B 288 -3.61 -10.58 -5.03
C ASP B 288 -3.75 -10.56 -3.52
N ASP B 289 -4.25 -11.62 -2.90
CA ASP B 289 -4.42 -11.61 -1.45
C ASP B 289 -3.11 -11.97 -0.76
N PHE B 290 -2.03 -11.30 -1.14
CA PHE B 290 -0.76 -11.21 -0.45
C PHE B 290 0.05 -12.50 -0.45
N ASN B 291 -0.47 -13.59 -1.00
CA ASN B 291 0.27 -14.85 -0.97
C ASN B 291 0.08 -15.59 -2.29
N CYS B 292 1.02 -16.50 -2.57
CA CYS B 292 0.98 -17.34 -3.75
C CYS B 292 0.47 -18.73 -3.41
N ASN B 293 -0.06 -19.42 -4.41
CA ASN B 293 -0.56 -20.78 -4.26
C ASN B 293 0.21 -21.69 -5.20
N VAL B 294 0.70 -22.81 -4.68
CA VAL B 294 1.43 -23.79 -5.47
C VAL B 294 0.42 -24.85 -5.90
N TRP B 295 -0.10 -24.70 -7.11
CA TRP B 295 -1.10 -25.62 -7.63
C TRP B 295 -0.43 -26.92 -8.07
N ASP B 296 -1.20 -27.76 -8.75
CA ASP B 296 -0.72 -29.00 -9.31
C ASP B 296 -1.28 -29.12 -10.71
N ALA B 297 -0.40 -29.09 -11.71
CA ALA B 297 -0.84 -28.94 -13.10
C ALA B 297 -1.75 -30.08 -13.53
N LEU B 298 -1.40 -31.33 -13.17
CA LEU B 298 -2.16 -32.48 -13.65
C LEU B 298 -3.49 -32.65 -12.93
N LYS B 299 -3.68 -32.01 -11.78
CA LYS B 299 -4.95 -32.08 -11.06
C LYS B 299 -4.99 -30.93 -10.07
N ALA B 300 -6.00 -30.08 -10.17
CA ALA B 300 -6.11 -28.93 -9.29
C ALA B 300 -6.20 -29.38 -7.84
N ASP B 301 -5.14 -29.12 -7.06
CA ASP B 301 -5.10 -29.60 -5.68
C ASP B 301 -4.63 -28.56 -4.66
N ARG B 302 -3.91 -27.52 -5.07
CA ARG B 302 -3.40 -26.49 -4.15
C ARG B 302 -2.51 -27.12 -3.08
N ALA B 303 -1.38 -27.65 -3.55
CA ALA B 303 -0.49 -28.40 -2.67
C ALA B 303 0.05 -27.54 -1.53
N GLY B 304 0.44 -26.29 -1.82
CA GLY B 304 1.05 -25.46 -0.81
C GLY B 304 0.70 -24.00 -1.00
N VAL B 305 1.11 -23.20 -0.03
CA VAL B 305 0.91 -21.75 -0.05
C VAL B 305 2.17 -21.07 0.44
N LEU B 306 2.65 -20.07 -0.29
CA LEU B 306 3.82 -19.30 0.11
C LEU B 306 3.38 -17.96 0.70
N ALA B 307 2.80 -18.03 1.89
CA ALA B 307 2.25 -16.85 2.57
C ALA B 307 3.37 -16.20 3.39
N GLY B 308 4.06 -15.25 2.78
CA GLY B 308 5.10 -14.54 3.49
C GLY B 308 5.23 -13.08 3.12
N HIS B 309 4.30 -12.56 2.33
CA HIS B 309 4.39 -11.20 1.82
C HIS B 309 3.36 -10.30 2.50
N ASP B 310 3.73 -9.03 2.64
CA ASP B 310 2.84 -8.05 3.24
C ASP B 310 1.82 -7.52 2.23
N ASN B 311 2.31 -6.92 1.15
CA ASN B 311 1.46 -6.38 0.11
C ASN B 311 1.31 -7.41 -1.01
N ARG B 312 0.52 -7.05 -2.02
CA ARG B 312 0.15 -8.00 -3.07
C ARG B 312 1.37 -8.47 -3.84
N VAL B 313 1.33 -9.72 -4.28
CA VAL B 313 2.42 -10.32 -5.04
C VAL B 313 2.22 -10.00 -6.50
N SER B 314 3.17 -9.27 -7.09
CA SER B 314 3.09 -8.89 -8.49
C SER B 314 4.23 -9.48 -9.30
N CYS B 315 4.82 -10.58 -8.85
CA CYS B 315 6.00 -11.12 -9.49
C CYS B 315 6.09 -12.61 -9.21
N LEU B 316 6.81 -13.31 -10.09
CA LEU B 316 7.05 -14.74 -9.95
C LEU B 316 8.07 -15.15 -11.00
N GLY B 317 8.97 -16.05 -10.63
CA GLY B 317 9.93 -16.56 -11.58
C GLY B 317 10.70 -17.74 -11.04
N VAL B 318 10.74 -18.82 -11.81
CA VAL B 318 11.45 -20.04 -11.42
C VAL B 318 12.70 -20.14 -12.27
N THR B 319 13.82 -20.46 -11.63
CA THR B 319 15.11 -20.47 -12.31
C THR B 319 15.11 -21.54 -13.41
N ASP B 320 16.16 -21.48 -14.24
CA ASP B 320 16.27 -22.40 -15.37
C ASP B 320 16.38 -23.85 -14.90
N ASP B 321 17.15 -24.09 -13.84
CA ASP B 321 17.26 -25.44 -13.29
C ASP B 321 16.16 -25.75 -12.29
N GLY B 322 15.26 -24.80 -12.03
CA GLY B 322 14.14 -25.05 -11.14
C GLY B 322 14.54 -25.28 -9.70
N MET B 323 15.54 -24.56 -9.22
CA MET B 323 16.02 -24.73 -7.85
C MET B 323 15.38 -23.74 -6.87
N ALA B 324 14.93 -22.58 -7.35
CA ALA B 324 14.40 -21.57 -6.45
C ALA B 324 13.24 -20.85 -7.12
N VAL B 325 12.43 -20.19 -6.29
CA VAL B 325 11.29 -19.40 -6.75
C VAL B 325 11.39 -18.04 -6.09
N ALA B 326 11.39 -16.98 -6.90
CA ALA B 326 11.48 -15.62 -6.40
C ALA B 326 10.13 -14.93 -6.60
N THR B 327 9.64 -14.29 -5.54
CA THR B 327 8.33 -13.64 -5.55
C THR B 327 8.49 -12.20 -5.08
N GLY B 328 8.61 -11.27 -6.01
CA GLY B 328 8.55 -9.87 -5.66
C GLY B 328 7.13 -9.46 -5.32
N SER B 329 7.00 -8.32 -4.66
CA SER B 329 5.69 -7.84 -4.24
C SER B 329 5.71 -6.32 -4.14
N TRP B 330 4.58 -5.77 -3.74
CA TRP B 330 4.42 -4.33 -3.60
C TRP B 330 4.96 -3.80 -2.28
N ASP B 331 5.48 -4.68 -1.42
CA ASP B 331 6.15 -4.26 -0.21
C ASP B 331 7.65 -4.03 -0.43
N SER B 332 8.11 -4.11 -1.67
CA SER B 332 9.49 -3.83 -2.05
C SER B 332 10.46 -4.88 -1.54
N PHE B 333 10.03 -6.13 -1.45
CA PHE B 333 10.87 -7.22 -0.99
C PHE B 333 10.77 -8.40 -1.95
N LEU B 334 11.92 -8.95 -2.31
CA LEU B 334 12.01 -10.17 -3.11
C LEU B 334 12.38 -11.31 -2.19
N LYS B 335 11.55 -12.35 -2.15
CA LYS B 335 11.80 -13.53 -1.34
C LYS B 335 12.10 -14.70 -2.24
N ILE B 336 13.24 -15.35 -2.01
CA ILE B 336 13.69 -16.47 -2.83
C ILE B 336 13.37 -17.74 -2.07
N TRP B 337 12.29 -18.41 -2.46
CA TRP B 337 11.83 -19.62 -1.79
C TRP B 337 12.56 -20.83 -2.34
N ASN B 338 12.44 -21.94 -1.60
CA ASN B 338 13.06 -23.20 -2.00
C ASN B 338 12.44 -24.32 -1.19
N GLY B 339 12.68 -25.55 -1.63
CA GLY B 339 12.18 -26.72 -0.95
C GLY B 339 12.99 -27.06 0.28
N SER B 340 12.56 -28.13 0.95
CA SER B 340 13.25 -28.60 2.14
C SER B 340 12.97 -30.09 2.30
N SER B 341 14.02 -30.90 2.21
CA SER B 341 13.89 -32.35 2.33
C SER B 341 13.52 -32.75 3.76
N THR C 6 -15.07 3.02 -45.10
CA THR C 6 -15.59 2.73 -43.77
C THR C 6 -14.61 1.85 -42.99
N ALA C 7 -14.37 2.21 -41.72
CA ALA C 7 -13.49 1.41 -40.89
C ALA C 7 -14.13 0.10 -40.47
N SER C 8 -15.46 0.08 -40.32
CA SER C 8 -16.16 -1.13 -39.89
C SER C 8 -16.01 -2.26 -40.92
N ILE C 9 -16.16 -1.93 -42.21
CA ILE C 9 -16.09 -2.96 -43.24
C ILE C 9 -14.68 -3.55 -43.32
N ALA C 10 -13.65 -2.73 -43.09
CA ALA C 10 -12.28 -3.24 -43.13
C ALA C 10 -12.03 -4.23 -42.00
N GLN C 11 -12.51 -3.92 -40.80
CA GLN C 11 -12.31 -4.82 -39.67
C GLN C 11 -13.06 -6.13 -39.85
N ALA C 12 -14.31 -6.06 -40.32
CA ALA C 12 -15.12 -7.26 -40.48
C ALA C 12 -14.53 -8.20 -41.52
N ARG C 13 -14.01 -7.64 -42.61
CA ARG C 13 -13.36 -8.47 -43.62
C ARG C 13 -12.12 -9.16 -43.06
N LYS C 14 -11.34 -8.44 -42.25
CA LYS C 14 -10.16 -9.02 -41.64
C LYS C 14 -10.52 -10.11 -40.65
N LEU C 15 -11.56 -9.88 -39.84
CA LEU C 15 -11.94 -10.85 -38.82
C LEU C 15 -12.40 -12.16 -39.46
N VAL C 16 -13.22 -12.08 -40.51
CA VAL C 16 -13.68 -13.29 -41.18
C VAL C 16 -12.52 -14.03 -41.80
N GLU C 17 -11.61 -13.30 -42.45
CA GLU C 17 -10.42 -13.94 -43.02
C GLU C 17 -9.55 -14.56 -41.93
N GLN C 18 -9.43 -13.88 -40.79
CA GLN C 18 -8.65 -14.44 -39.68
C GLN C 18 -9.27 -15.72 -39.15
N LEU C 19 -10.59 -15.74 -38.96
CA LEU C 19 -11.25 -16.91 -38.43
C LEU C 19 -11.27 -18.05 -39.45
N LYS C 20 -11.40 -17.72 -40.74
CA LYS C 20 -11.47 -18.76 -41.76
C LYS C 20 -10.18 -19.56 -41.84
N MET C 21 -9.03 -18.88 -41.77
CA MET C 21 -7.75 -19.58 -41.78
C MET C 21 -7.48 -20.26 -40.44
N GLU C 22 -7.90 -19.63 -39.34
CA GLU C 22 -7.68 -20.21 -38.03
C GLU C 22 -8.49 -21.48 -37.83
N ALA C 23 -9.73 -21.50 -38.34
CA ALA C 23 -10.58 -22.67 -38.18
C ALA C 23 -10.06 -23.88 -38.95
N ASN C 24 -9.20 -23.68 -39.93
CA ASN C 24 -8.69 -24.78 -40.75
C ASN C 24 -7.33 -25.24 -40.18
N ILE C 25 -7.40 -25.84 -38.99
CA ILE C 25 -6.23 -26.42 -38.35
C ILE C 25 -6.59 -27.81 -37.85
N ASP C 26 -5.57 -28.62 -37.63
CA ASP C 26 -5.73 -29.99 -37.16
C ASP C 26 -5.75 -30.01 -35.63
N ARG C 27 -6.75 -30.66 -35.06
CA ARG C 27 -6.93 -30.72 -33.62
C ARG C 27 -6.68 -32.14 -33.14
N ILE C 28 -5.83 -32.27 -32.13
CA ILE C 28 -5.49 -33.56 -31.54
C ILE C 28 -6.43 -33.83 -30.37
N LYS C 29 -6.92 -35.06 -30.29
CA LYS C 29 -7.89 -35.42 -29.26
C LYS C 29 -7.32 -35.18 -27.88
N VAL C 30 -8.18 -34.72 -26.96
CA VAL C 30 -7.73 -34.39 -25.61
C VAL C 30 -7.15 -35.62 -24.91
N SER C 31 -7.62 -36.81 -25.27
CA SER C 31 -7.07 -38.03 -24.68
C SER C 31 -5.59 -38.16 -25.00
N LYS C 32 -5.19 -37.85 -26.22
CA LYS C 32 -3.77 -37.88 -26.57
C LYS C 32 -3.05 -36.67 -25.98
N ALA C 33 -3.67 -35.49 -26.02
CA ALA C 33 -3.02 -34.30 -25.50
C ALA C 33 -2.80 -34.41 -24.00
N ALA C 34 -3.78 -34.92 -23.26
CA ALA C 34 -3.60 -35.10 -21.83
C ALA C 34 -2.57 -36.18 -21.53
N ALA C 35 -2.49 -37.20 -22.40
CA ALA C 35 -1.48 -38.24 -22.21
C ALA C 35 -0.08 -37.68 -22.38
N ASP C 36 0.12 -36.77 -23.35
CA ASP C 36 1.44 -36.18 -23.55
C ASP C 36 1.85 -35.34 -22.35
N LEU C 37 0.92 -34.58 -21.78
CA LEU C 37 1.22 -33.79 -20.59
C LEU C 37 1.57 -34.69 -19.42
N MET C 38 0.85 -35.80 -19.26
CA MET C 38 1.18 -36.76 -18.21
C MET C 38 2.55 -37.38 -18.45
N ALA C 39 2.86 -37.71 -19.70
CA ALA C 39 4.13 -38.36 -20.01
C ALA C 39 5.31 -37.44 -19.72
N TYR C 40 5.19 -36.16 -20.07
CA TYR C 40 6.29 -35.22 -19.82
C TYR C 40 6.52 -35.03 -18.32
N CYS C 41 5.44 -34.86 -17.56
CA CYS C 41 5.59 -34.62 -16.13
C CYS C 41 6.22 -35.82 -15.42
N GLU C 42 5.80 -37.03 -15.79
CA GLU C 42 6.34 -38.22 -15.16
C GLU C 42 7.77 -38.50 -15.60
N ALA C 43 8.10 -38.19 -16.86
CA ALA C 43 9.45 -38.46 -17.36
C ALA C 43 10.49 -37.59 -16.67
N HIS C 44 10.18 -36.32 -16.43
CA HIS C 44 11.12 -35.38 -15.84
C HIS C 44 10.85 -35.14 -14.36
N ALA C 45 9.99 -35.95 -13.73
CA ALA C 45 9.70 -35.75 -12.32
C ALA C 45 10.91 -36.00 -11.45
N LYS C 46 11.79 -36.92 -11.86
CA LYS C 46 12.97 -37.23 -11.06
C LYS C 46 14.01 -36.11 -11.10
N GLU C 47 13.98 -35.27 -12.13
CA GLU C 47 14.94 -34.18 -12.29
C GLU C 47 14.31 -32.83 -11.96
N ASP C 48 13.27 -32.82 -11.13
CA ASP C 48 12.62 -31.59 -10.70
C ASP C 48 13.03 -31.30 -9.27
N PRO C 49 13.89 -30.31 -9.03
CA PRO C 49 14.37 -30.07 -7.66
C PRO C 49 13.43 -29.24 -6.82
N LEU C 50 12.21 -29.01 -7.28
CA LEU C 50 11.22 -28.23 -6.55
C LEU C 50 10.03 -29.07 -6.12
N LEU C 51 9.57 -29.97 -6.99
CA LEU C 51 8.54 -30.93 -6.59
C LEU C 51 9.09 -31.91 -5.55
N THR C 52 10.24 -32.52 -5.85
CA THR C 52 10.94 -33.37 -4.90
C THR C 52 12.22 -32.67 -4.48
N PRO C 53 12.30 -32.17 -3.25
CA PRO C 53 13.45 -31.34 -2.87
C PRO C 53 14.76 -32.09 -3.01
N VAL C 54 15.76 -31.41 -3.54
CA VAL C 54 17.10 -31.96 -3.74
C VAL C 54 17.77 -32.02 -2.38
N PRO C 55 18.66 -32.98 -2.13
CA PRO C 55 19.38 -32.99 -0.85
C PRO C 55 20.17 -31.71 -0.64
N ALA C 56 20.22 -31.26 0.62
CA ALA C 56 20.84 -29.98 0.95
C ALA C 56 22.34 -29.96 0.68
N SER C 57 22.97 -31.11 0.47
CA SER C 57 24.40 -31.16 0.20
C SER C 57 24.77 -30.52 -1.14
N GLU C 58 23.83 -30.36 -2.06
CA GLU C 58 24.15 -29.85 -3.39
C GLU C 58 23.38 -28.61 -3.81
N ASN C 59 22.31 -28.24 -3.13
CA ASN C 59 21.60 -27.01 -3.51
C ASN C 59 22.44 -25.80 -3.15
N PRO C 60 22.34 -24.70 -3.89
CA PRO C 60 23.16 -23.53 -3.57
C PRO C 60 22.61 -22.71 -2.42
N PHE C 61 21.29 -22.71 -2.24
CA PHE C 61 20.64 -21.93 -1.19
C PHE C 61 20.70 -22.71 0.11
N ARG C 62 21.63 -22.34 0.98
CA ARG C 62 21.81 -23.05 2.25
C ARG C 62 20.60 -22.87 3.17
N GLN D 3 -16.37 -17.25 -23.62
CA GLN D 3 -16.69 -16.14 -24.51
C GLN D 3 -17.74 -15.23 -23.89
N VAL D 4 -17.30 -14.08 -23.37
CA VAL D 4 -18.19 -13.12 -22.74
C VAL D 4 -18.98 -12.43 -23.84
N GLN D 5 -20.24 -12.82 -24.01
CA GLN D 5 -21.12 -12.24 -25.01
C GLN D 5 -22.35 -11.66 -24.34
N LEU D 6 -22.74 -10.46 -24.76
CA LEU D 6 -23.80 -9.69 -24.11
C LEU D 6 -24.76 -9.10 -25.15
N GLN D 7 -25.25 -9.95 -26.05
CA GLN D 7 -26.18 -9.48 -27.08
C GLN D 7 -27.46 -8.95 -26.44
N GLU D 8 -28.00 -7.89 -27.04
CA GLU D 8 -29.18 -7.20 -26.52
C GLU D 8 -30.37 -7.42 -27.44
N SER D 9 -31.56 -7.19 -26.89
CA SER D 9 -32.79 -7.33 -27.64
C SER D 9 -33.65 -6.08 -27.52
N GLY D 10 -34.89 -6.13 -27.99
CA GLY D 10 -35.74 -4.97 -27.93
C GLY D 10 -35.29 -3.89 -28.91
N GLY D 11 -35.83 -2.69 -28.71
CA GLY D 11 -35.48 -1.57 -29.54
C GLY D 11 -36.30 -1.50 -30.82
N GLY D 12 -36.07 -0.42 -31.56
CA GLY D 12 -36.80 -0.19 -32.79
C GLY D 12 -37.38 1.21 -32.87
N LEU D 13 -38.57 1.33 -33.44
CA LEU D 13 -39.24 2.61 -33.59
C LEU D 13 -40.36 2.73 -32.56
N VAL D 14 -40.34 3.83 -31.81
CA VAL D 14 -41.36 4.10 -30.80
C VAL D 14 -41.80 5.55 -30.93
N GLN D 15 -43.10 5.79 -30.77
CA GLN D 15 -43.62 7.14 -30.82
C GLN D 15 -43.23 7.91 -29.56
N PRO D 16 -43.06 9.23 -29.67
CA PRO D 16 -42.68 10.01 -28.48
C PRO D 16 -43.73 9.88 -27.38
N GLY D 17 -43.25 9.80 -26.14
CA GLY D 17 -44.10 9.60 -25.00
C GLY D 17 -44.50 8.16 -24.73
N GLY D 18 -43.99 7.22 -25.51
CA GLY D 18 -44.31 5.81 -25.34
C GLY D 18 -43.39 5.13 -24.35
N SER D 19 -43.30 3.80 -24.49
CA SER D 19 -42.47 3.00 -23.62
C SER D 19 -41.80 1.90 -24.43
N LEU D 20 -40.70 1.37 -23.89
CA LEU D 20 -39.96 0.29 -24.52
C LEU D 20 -39.20 -0.47 -23.45
N ARG D 21 -38.79 -1.69 -23.79
CA ARG D 21 -38.08 -2.56 -22.87
C ARG D 21 -36.89 -3.20 -23.57
N LEU D 22 -35.72 -3.14 -22.94
CA LEU D 22 -34.53 -3.81 -23.43
C LEU D 22 -34.12 -4.92 -22.47
N SER D 23 -33.84 -6.10 -23.02
CA SER D 23 -33.32 -7.22 -22.26
C SER D 23 -31.96 -7.59 -22.83
N CYS D 24 -30.98 -7.76 -21.96
CA CYS D 24 -29.62 -8.13 -22.34
C CYS D 24 -29.28 -9.46 -21.68
N ALA D 25 -29.04 -10.48 -22.48
CA ALA D 25 -28.76 -11.82 -21.98
C ALA D 25 -27.25 -12.07 -22.03
N ALA D 26 -26.68 -12.41 -20.87
CA ALA D 26 -25.25 -12.58 -20.73
C ALA D 26 -24.91 -14.06 -20.60
N SER D 27 -23.93 -14.51 -21.37
CA SER D 27 -23.46 -15.88 -21.31
C SER D 27 -21.95 -15.88 -21.47
N GLY D 28 -21.33 -17.00 -21.10
CA GLY D 28 -19.89 -17.12 -21.10
C GLY D 28 -19.23 -16.73 -19.80
N PHE D 29 -19.99 -16.19 -18.85
CA PHE D 29 -19.48 -15.89 -17.52
C PHE D 29 -20.64 -15.99 -16.54
N THR D 30 -20.31 -16.13 -15.26
CA THR D 30 -21.33 -16.20 -14.23
C THR D 30 -22.03 -14.85 -14.12
N PHE D 31 -23.30 -14.79 -14.56
CA PHE D 31 -24.03 -13.54 -14.49
C PHE D 31 -24.41 -13.26 -13.05
N SER D 32 -23.39 -13.01 -12.24
CA SER D 32 -23.54 -12.65 -10.84
C SER D 32 -22.19 -12.13 -10.40
N ASN D 33 -22.14 -11.58 -9.20
CA ASN D 33 -20.96 -10.86 -8.71
C ASN D 33 -20.32 -10.03 -9.81
N TYR D 34 -21.16 -9.27 -10.51
CA TYR D 34 -20.73 -8.42 -11.62
C TYR D 34 -21.69 -7.24 -11.70
N LYS D 35 -21.20 -6.05 -11.41
CA LYS D 35 -22.02 -4.85 -11.48
C LYS D 35 -22.20 -4.46 -12.94
N MET D 36 -23.44 -4.48 -13.41
CA MET D 36 -23.75 -4.23 -14.81
C MET D 36 -24.12 -2.77 -15.03
N ASN D 37 -24.04 -2.35 -16.30
CA ASN D 37 -24.34 -0.98 -16.69
C ASN D 37 -25.19 -1.00 -17.95
N TRP D 38 -25.67 0.18 -18.34
CA TRP D 38 -26.54 0.34 -19.50
C TRP D 38 -26.11 1.54 -20.34
N VAL D 39 -24.83 1.61 -20.68
CA VAL D 39 -24.33 2.75 -21.45
C VAL D 39 -25.07 2.88 -22.77
N ARG D 40 -25.06 4.11 -23.31
CA ARG D 40 -25.75 4.42 -24.55
C ARG D 40 -24.93 5.44 -25.33
N GLN D 41 -25.18 5.50 -26.63
CA GLN D 41 -24.46 6.44 -27.50
C GLN D 41 -25.44 7.08 -28.47
N ALA D 42 -25.67 8.38 -28.31
CA ALA D 42 -26.50 9.11 -29.25
C ALA D 42 -25.71 9.40 -30.53
N PRO D 43 -26.39 9.56 -31.66
CA PRO D 43 -25.69 9.91 -32.89
C PRO D 43 -24.95 11.23 -32.76
N GLY D 44 -23.72 11.27 -33.28
CA GLY D 44 -22.92 12.47 -33.21
C GLY D 44 -22.36 12.79 -31.84
N LYS D 45 -22.45 11.86 -30.89
CA LYS D 45 -21.98 12.09 -29.53
C LYS D 45 -21.22 10.85 -29.05
N GLY D 46 -20.39 11.05 -28.03
CA GLY D 46 -19.65 9.95 -27.46
C GLY D 46 -20.51 9.04 -26.59
N LEU D 47 -19.92 7.91 -26.22
CA LEU D 47 -20.59 6.98 -25.33
C LEU D 47 -20.90 7.65 -24.00
N GLU D 48 -22.12 7.51 -23.52
CA GLU D 48 -22.53 8.09 -22.25
C GLU D 48 -23.19 7.02 -21.39
N TRP D 49 -23.14 7.24 -20.08
CA TRP D 49 -23.59 6.26 -19.11
C TRP D 49 -25.02 6.59 -18.69
N VAL D 50 -25.89 5.57 -18.70
CA VAL D 50 -27.31 5.74 -18.44
C VAL D 50 -27.68 5.24 -17.05
N SER D 51 -27.37 3.97 -16.75
CA SER D 51 -27.79 3.38 -15.49
C SER D 51 -26.85 2.24 -15.14
N ASP D 52 -26.92 1.80 -13.88
CA ASP D 52 -26.16 0.65 -13.44
C ASP D 52 -26.89 -0.04 -12.30
N ILE D 53 -26.57 -1.31 -12.09
CA ILE D 53 -27.15 -2.12 -11.03
C ILE D 53 -26.03 -2.85 -10.32
N SER D 54 -26.24 -3.14 -9.03
CA SER D 54 -25.20 -3.75 -8.22
C SER D 54 -25.13 -5.25 -8.48
N GLN D 55 -24.39 -5.96 -7.64
CA GLN D 55 -24.18 -7.39 -7.84
C GLN D 55 -25.48 -8.16 -7.73
N SER D 56 -26.31 -7.82 -6.74
CA SER D 56 -27.59 -8.51 -6.53
C SER D 56 -28.71 -7.52 -6.27
N GLY D 57 -28.75 -6.42 -7.01
CA GLY D 57 -29.72 -5.39 -6.75
C GLY D 57 -29.37 -4.61 -5.48
N ALA D 58 -30.38 -3.91 -4.97
CA ALA D 58 -30.30 -3.14 -3.73
C ALA D 58 -29.31 -1.99 -3.79
N SER D 59 -28.72 -1.73 -4.95
CA SER D 59 -27.88 -0.54 -5.14
C SER D 59 -27.97 -0.16 -6.61
N ILE D 60 -28.83 0.81 -6.91
CA ILE D 60 -29.17 1.21 -8.27
C ILE D 60 -29.03 2.72 -8.38
N SER D 61 -28.41 3.19 -9.46
CA SER D 61 -28.27 4.61 -9.72
C SER D 61 -28.57 4.89 -11.19
N TYR D 62 -28.95 6.14 -11.48
CA TYR D 62 -29.27 6.56 -12.83
C TYR D 62 -28.56 7.87 -13.14
N THR D 63 -28.40 8.14 -14.42
CA THR D 63 -27.94 9.45 -14.85
C THR D 63 -29.05 10.48 -14.62
N GLY D 64 -28.67 11.76 -14.65
CA GLY D 64 -29.61 12.81 -14.30
C GLY D 64 -30.77 12.92 -15.27
N SER D 65 -30.50 12.81 -16.57
CA SER D 65 -31.53 13.07 -17.57
C SER D 65 -32.61 12.00 -17.61
N VAL D 66 -32.33 10.79 -17.11
CA VAL D 66 -33.28 9.68 -17.19
C VAL D 66 -33.84 9.31 -15.83
N LYS D 67 -33.46 10.00 -14.76
CA LYS D 67 -33.95 9.67 -13.44
C LYS D 67 -35.47 9.82 -13.39
N GLY D 68 -36.14 8.79 -12.86
CA GLY D 68 -37.58 8.80 -12.75
C GLY D 68 -38.33 8.36 -13.98
N ARG D 69 -37.64 8.11 -15.09
CA ARG D 69 -38.27 7.62 -16.31
C ARG D 69 -37.88 6.21 -16.69
N PHE D 70 -36.71 5.74 -16.28
CA PHE D 70 -36.24 4.40 -16.60
C PHE D 70 -36.16 3.58 -15.32
N THR D 71 -36.36 2.27 -15.46
CA THR D 71 -36.12 1.34 -14.37
C THR D 71 -35.22 0.22 -14.87
N ILE D 72 -34.37 -0.28 -13.98
CA ILE D 72 -33.40 -1.31 -14.31
C ILE D 72 -33.54 -2.45 -13.32
N SER D 73 -33.62 -3.67 -13.84
CA SER D 73 -33.76 -4.86 -13.02
C SER D 73 -32.87 -5.96 -13.59
N ARG D 74 -32.48 -6.89 -12.72
CA ARG D 74 -31.66 -8.02 -13.12
C ARG D 74 -32.26 -9.30 -12.56
N ASP D 75 -31.99 -10.41 -13.25
CA ASP D 75 -32.46 -11.73 -12.85
C ASP D 75 -31.27 -12.69 -12.92
N ASN D 76 -30.65 -12.95 -11.77
CA ASN D 76 -29.46 -13.80 -11.75
C ASN D 76 -29.78 -15.21 -12.25
N ALA D 77 -30.91 -15.76 -11.82
CA ALA D 77 -31.29 -17.10 -12.28
C ALA D 77 -31.57 -17.12 -13.78
N LYS D 78 -32.25 -16.10 -14.30
CA LYS D 78 -32.59 -16.03 -15.71
C LYS D 78 -31.42 -15.55 -16.56
N ASN D 79 -30.33 -15.07 -15.93
CA ASN D 79 -29.14 -14.60 -16.64
C ASN D 79 -29.45 -13.46 -17.61
N THR D 80 -30.33 -12.55 -17.22
CA THR D 80 -30.73 -11.45 -18.06
C THR D 80 -30.70 -10.15 -17.27
N LEU D 81 -30.38 -9.06 -17.96
CA LEU D 81 -30.38 -7.72 -17.39
C LEU D 81 -31.44 -6.90 -18.11
N TYR D 82 -32.33 -6.28 -17.33
CA TYR D 82 -33.50 -5.60 -17.87
C TYR D 82 -33.40 -4.10 -17.62
N LEU D 83 -33.87 -3.31 -18.59
CA LEU D 83 -34.03 -1.87 -18.40
C LEU D 83 -35.30 -1.46 -19.14
N GLN D 84 -36.25 -0.87 -18.42
CA GLN D 84 -37.54 -0.51 -18.98
C GLN D 84 -37.68 1.00 -19.07
N MET D 85 -37.92 1.51 -20.27
CA MET D 85 -38.13 2.93 -20.49
C MET D 85 -39.59 3.27 -20.26
N ASN D 86 -39.84 4.54 -19.96
CA ASN D 86 -41.19 5.08 -19.87
C ASN D 86 -41.15 6.56 -20.21
N SER D 87 -42.18 7.02 -20.93
CA SER D 87 -42.28 8.40 -21.36
C SER D 87 -41.07 8.81 -22.20
N LEU D 88 -40.94 8.18 -23.36
CA LEU D 88 -39.82 8.45 -24.25
C LEU D 88 -39.87 9.90 -24.73
N LYS D 89 -38.69 10.45 -24.98
CA LYS D 89 -38.54 11.83 -25.43
C LYS D 89 -37.69 11.85 -26.70
N PRO D 90 -37.87 12.86 -27.55
CA PRO D 90 -37.23 12.83 -28.87
C PRO D 90 -35.71 12.78 -28.84
N GLU D 91 -35.06 13.29 -27.79
CA GLU D 91 -33.61 13.27 -27.74
C GLU D 91 -33.05 11.98 -27.15
N ASP D 92 -33.92 11.02 -26.83
CA ASP D 92 -33.49 9.72 -26.31
C ASP D 92 -33.10 8.75 -27.41
N THR D 93 -33.10 9.18 -28.66
CA THR D 93 -32.73 8.31 -29.78
C THR D 93 -31.24 8.01 -29.70
N ALA D 94 -30.90 6.75 -29.44
CA ALA D 94 -29.51 6.36 -29.29
C ALA D 94 -29.41 4.85 -29.43
N VAL D 95 -28.17 4.36 -29.48
CA VAL D 95 -27.88 2.93 -29.53
C VAL D 95 -27.46 2.50 -28.13
N TYR D 96 -28.24 1.60 -27.53
CA TYR D 96 -28.03 1.20 -26.15
C TYR D 96 -27.18 -0.05 -26.06
N TYR D 97 -26.25 -0.06 -25.12
CA TYR D 97 -25.39 -1.21 -24.86
C TYR D 97 -25.54 -1.65 -23.42
N CYS D 98 -25.39 -2.94 -23.18
CA CYS D 98 -25.23 -3.48 -21.83
C CYS D 98 -23.78 -3.85 -21.66
N ALA D 99 -23.16 -3.34 -20.59
CA ALA D 99 -21.74 -3.58 -20.37
C ALA D 99 -21.50 -3.84 -18.89
N ARG D 100 -20.75 -4.88 -18.59
CA ARG D 100 -20.49 -5.28 -17.23
C ARG D 100 -19.17 -4.69 -16.72
N CYS D 101 -19.03 -4.70 -15.41
CA CYS D 101 -17.80 -4.20 -14.80
C CYS D 101 -16.63 -5.12 -15.15
N PRO D 102 -15.42 -4.59 -15.23
CA PRO D 102 -14.28 -5.42 -15.66
C PRO D 102 -13.99 -6.60 -14.75
N ALA D 103 -14.19 -6.46 -13.45
CA ALA D 103 -13.77 -7.48 -12.50
C ALA D 103 -14.94 -7.90 -11.62
N PRO D 104 -14.91 -9.13 -11.11
CA PRO D 104 -15.96 -9.56 -10.18
C PRO D 104 -15.67 -9.11 -8.75
N PHE D 105 -16.72 -9.11 -7.95
CA PHE D 105 -16.66 -8.71 -6.54
C PHE D 105 -16.04 -7.32 -6.38
N THR D 106 -16.47 -6.39 -7.21
CA THR D 106 -15.90 -5.04 -7.19
C THR D 106 -17.01 -4.02 -7.33
N ARG D 107 -16.68 -2.78 -6.96
CA ARG D 107 -17.62 -1.67 -7.02
C ARG D 107 -17.02 -0.46 -7.74
N ASP D 108 -15.98 -0.67 -8.54
CA ASP D 108 -15.24 0.38 -9.20
C ASP D 108 -15.16 0.14 -10.71
N CYS D 109 -16.30 -0.14 -11.33
CA CYS D 109 -16.35 -0.29 -12.78
C CYS D 109 -15.73 0.92 -13.47
N PHE D 110 -14.62 0.68 -14.18
CA PHE D 110 -13.77 1.75 -14.66
C PHE D 110 -14.05 2.16 -16.11
N ASP D 111 -13.84 1.25 -17.05
CA ASP D 111 -13.90 1.60 -18.47
C ASP D 111 -15.12 0.92 -19.06
N VAL D 112 -16.27 1.58 -18.91
CA VAL D 112 -17.52 1.07 -19.46
C VAL D 112 -18.03 1.91 -20.61
N THR D 113 -17.72 3.21 -20.63
CA THR D 113 -18.11 4.11 -21.71
C THR D 113 -16.94 4.41 -22.64
N SER D 114 -15.86 3.65 -22.56
CA SER D 114 -14.73 3.88 -23.44
C SER D 114 -15.11 3.55 -24.88
N THR D 115 -14.38 4.15 -25.82
CA THR D 115 -14.69 3.97 -27.24
C THR D 115 -14.63 2.49 -27.64
N THR D 116 -13.73 1.73 -27.04
CA THR D 116 -13.67 0.28 -27.23
C THR D 116 -13.63 -0.38 -25.87
N TYR D 117 -14.34 -1.50 -25.73
CA TYR D 117 -14.42 -2.22 -24.48
C TYR D 117 -14.78 -3.66 -24.79
N ALA D 118 -14.06 -4.60 -24.18
CA ALA D 118 -14.20 -6.00 -24.53
C ALA D 118 -15.58 -6.54 -24.15
N TYR D 119 -16.07 -6.17 -22.97
CA TYR D 119 -17.27 -6.79 -22.38
C TYR D 119 -18.52 -5.95 -22.61
N ARG D 120 -18.65 -5.34 -23.77
CA ARG D 120 -19.85 -4.60 -24.14
C ARG D 120 -20.63 -5.37 -25.20
N GLY D 121 -21.94 -5.13 -25.22
CA GLY D 121 -22.79 -5.78 -26.19
C GLY D 121 -22.70 -5.13 -27.56
N GLN D 122 -23.33 -5.79 -28.54
CA GLN D 122 -23.32 -5.28 -29.90
C GLN D 122 -24.06 -3.95 -30.00
N GLY D 123 -25.20 -3.83 -29.33
CA GLY D 123 -25.92 -2.56 -29.36
C GLY D 123 -27.30 -2.70 -29.98
N THR D 124 -28.27 -2.11 -29.31
CA THR D 124 -29.66 -2.11 -29.75
C THR D 124 -30.05 -0.69 -30.13
N GLN D 125 -30.59 -0.53 -31.34
CA GLN D 125 -30.96 0.79 -31.83
C GLN D 125 -32.36 1.15 -31.35
N VAL D 126 -32.49 2.33 -30.76
CA VAL D 126 -33.77 2.85 -30.29
C VAL D 126 -33.98 4.22 -30.92
N THR D 127 -35.06 4.38 -31.66
CA THR D 127 -35.36 5.62 -32.37
C THR D 127 -36.74 6.12 -31.96
N VAL D 128 -36.84 7.41 -31.65
CA VAL D 128 -38.08 8.03 -31.21
C VAL D 128 -38.45 9.06 -32.26
N SER D 129 -39.35 8.69 -33.17
CA SER D 129 -39.80 9.60 -34.22
C SER D 129 -41.13 9.12 -34.76
N SER D 130 -41.79 9.99 -35.54
CA SER D 130 -43.07 9.70 -36.14
C SER D 130 -42.93 9.61 -37.66
N HIS D 131 -43.81 8.82 -38.27
CA HIS D 131 -43.80 8.63 -39.71
C HIS D 131 -44.07 9.95 -40.44
N THR E 10 22.40 13.71 62.67
CA THR E 10 22.11 12.39 62.12
C THR E 10 22.38 11.30 63.15
N ALA E 11 21.97 10.07 62.82
CA ALA E 11 22.18 8.96 63.75
C ALA E 11 23.66 8.67 63.95
N GLY E 12 24.44 8.66 62.87
CA GLY E 12 25.84 8.27 62.97
C GLY E 12 26.64 9.19 63.88
N GLU E 13 26.28 10.46 63.92
CA GLU E 13 26.96 11.40 64.81
C GLU E 13 26.70 11.07 66.27
N LEU E 14 25.58 10.41 66.55
CA LEU E 14 25.19 10.15 67.94
C LEU E 14 26.11 9.14 68.60
N TYR E 15 26.46 8.05 67.90
CA TYR E 15 27.37 7.07 68.49
C TYR E 15 28.77 7.63 68.62
N GLN E 16 29.17 8.53 67.72
CA GLN E 16 30.51 9.11 67.80
C GLN E 16 30.71 9.89 69.09
N ARG E 17 29.72 10.71 69.47
CA ARG E 17 29.77 11.41 70.74
C ARG E 17 29.43 10.50 71.91
N TRP E 18 28.75 9.39 71.66
CA TRP E 18 28.43 8.45 72.74
C TRP E 18 29.69 7.75 73.26
N GLU E 19 30.56 7.32 72.35
CA GLU E 19 31.78 6.61 72.77
C GLU E 19 32.74 7.54 73.48
N ARG E 20 32.85 8.79 73.00
CA ARG E 20 33.80 9.72 73.59
C ARG E 20 33.45 10.11 75.02
N TYR E 21 32.18 9.98 75.42
CA TYR E 21 31.82 10.23 76.81
C TYR E 21 32.44 9.20 77.74
N ARG E 22 32.46 7.94 77.31
CA ARG E 22 33.04 6.88 78.14
C ARG E 22 34.55 7.04 78.28
N ARG E 23 35.19 7.67 77.28
CA ARG E 23 36.63 7.88 77.35
C ARG E 23 36.99 8.79 78.52
N GLU E 24 36.22 9.86 78.73
CA GLU E 24 36.44 10.72 79.89
C GLU E 24 35.99 10.03 81.17
N CYS E 25 34.90 9.26 81.10
CA CYS E 25 34.41 8.54 82.27
C CYS E 25 35.42 7.51 82.75
N GLN E 26 36.05 6.79 81.84
CA GLN E 26 37.04 5.78 82.19
C GLN E 26 38.41 6.37 82.46
N GLU E 27 38.62 7.65 82.13
CA GLU E 27 39.90 8.32 82.33
C GLU E 27 41.06 7.57 81.67
N PHE E 106 4.74 10.06 65.36
CA PHE E 106 5.75 9.46 64.51
C PHE E 106 5.45 7.98 64.26
N LEU E 107 4.18 7.60 64.46
CA LEU E 107 3.74 6.24 64.26
C LEU E 107 2.83 6.09 63.05
N ASP E 108 1.79 6.92 62.94
CA ASP E 108 0.86 6.83 61.81
C ASP E 108 1.55 7.16 60.49
N GLN E 109 2.44 8.16 60.49
CA GLN E 109 3.11 8.55 59.25
C GLN E 109 4.02 7.43 58.76
N ARG E 110 4.60 6.66 59.67
CA ARG E 110 5.37 5.49 59.24
C ARG E 110 4.48 4.45 58.56
N LEU E 111 3.29 4.23 59.12
CA LEU E 111 2.40 3.20 58.57
C LEU E 111 1.92 3.56 57.17
N ILE E 112 1.54 4.82 56.96
CA ILE E 112 1.07 5.24 55.64
C ILE E 112 2.20 5.17 54.63
N LEU E 113 3.42 5.52 55.05
CA LEU E 113 4.58 5.37 54.15
C LEU E 113 4.82 3.91 53.83
N GLU E 114 4.71 3.03 54.83
CA GLU E 114 4.82 1.60 54.56
C GLU E 114 3.71 1.12 53.65
N ARG E 115 2.49 1.62 53.87
CA ARG E 115 1.37 1.26 52.99
C ARG E 115 1.60 1.79 51.58
N LEU E 116 2.25 2.93 51.44
CA LEU E 116 2.64 3.39 50.11
C LEU E 116 3.79 2.56 49.55
N GLN E 117 4.67 2.06 50.42
CA GLN E 117 5.81 1.28 49.96
C GLN E 117 5.38 -0.02 49.29
N VAL E 118 4.39 -0.70 49.87
CA VAL E 118 3.87 -1.90 49.22
C VAL E 118 3.06 -1.53 47.98
N MET E 119 2.32 -0.43 48.05
CA MET E 119 1.45 -0.05 46.93
C MET E 119 2.27 0.30 45.70
N TYR E 120 3.29 1.15 45.85
CA TYR E 120 4.04 1.60 44.69
C TYR E 120 4.98 0.54 44.14
N THR E 121 5.45 -0.39 44.98
CA THR E 121 6.23 -1.51 44.47
C THR E 121 5.35 -2.55 43.80
N VAL E 122 4.04 -2.56 44.08
CA VAL E 122 3.13 -3.42 43.35
C VAL E 122 2.97 -2.94 41.91
N GLY E 123 2.80 -1.64 41.73
CA GLY E 123 2.73 -1.10 40.38
C GLY E 123 4.04 -1.22 39.63
N TYR E 124 5.15 -0.98 40.32
CA TYR E 124 6.46 -1.09 39.68
C TYR E 124 6.72 -2.52 39.22
N SER E 125 6.47 -3.50 40.10
CA SER E 125 6.70 -4.89 39.73
C SER E 125 5.78 -5.33 38.60
N LEU E 126 4.50 -4.96 38.68
CA LEU E 126 3.56 -5.31 37.62
C LEU E 126 3.97 -4.68 36.29
N SER E 127 4.38 -3.41 36.32
CA SER E 127 4.77 -2.73 35.09
C SER E 127 5.98 -3.40 34.45
N LEU E 128 6.89 -3.93 35.28
CA LEU E 128 8.02 -4.66 34.74
C LEU E 128 7.57 -5.93 34.03
N ALA E 129 6.58 -6.62 34.60
CA ALA E 129 6.12 -7.87 34.00
C ALA E 129 5.32 -7.61 32.73
N THR E 130 4.41 -6.65 32.75
CA THR E 130 3.48 -6.49 31.63
C THR E 130 4.16 -5.85 30.42
N LEU E 131 5.06 -4.89 30.64
CA LEU E 131 5.66 -4.20 29.50
C LEU E 131 6.71 -5.05 28.83
N LEU E 132 7.35 -5.96 29.58
CA LEU E 132 8.31 -6.88 28.98
C LEU E 132 7.62 -7.75 27.93
N LEU E 133 6.39 -8.19 28.22
CA LEU E 133 5.60 -8.87 27.19
C LEU E 133 5.33 -7.96 26.01
N ALA E 134 5.01 -6.69 26.29
CA ALA E 134 4.77 -5.73 25.21
C ALA E 134 6.03 -5.49 24.39
N LEU E 135 7.17 -5.33 25.06
CA LEU E 135 8.42 -5.06 24.35
C LEU E 135 8.81 -6.25 23.47
N LEU E 136 8.60 -7.48 23.96
CA LEU E 136 8.98 -8.66 23.20
C LEU E 136 8.17 -8.79 21.92
N ILE E 137 6.83 -8.71 22.04
CA ILE E 137 5.96 -8.90 20.87
C ILE E 137 6.03 -7.75 19.89
N LEU E 138 6.82 -6.71 20.19
CA LEU E 138 6.94 -5.55 19.33
C LEU E 138 8.36 -5.33 18.81
N SER E 139 9.36 -6.00 19.37
CA SER E 139 10.75 -5.84 18.95
C SER E 139 11.18 -6.90 17.95
N LEU E 140 10.82 -8.17 18.18
CA LEU E 140 11.22 -9.24 17.29
C LEU E 140 10.38 -9.32 16.03
N PHE E 141 9.27 -8.60 15.96
CA PHE E 141 8.41 -8.64 14.78
C PHE E 141 8.96 -7.68 13.72
N ARG E 142 9.41 -8.24 12.60
CA ARG E 142 9.98 -7.41 11.54
C ARG E 142 8.91 -6.61 10.81
N ARG E 143 7.63 -6.92 11.00
CA ARG E 143 6.57 -6.15 10.36
C ARG E 143 6.51 -4.73 10.91
N LEU E 144 6.67 -4.58 12.23
CA LEU E 144 6.60 -3.27 12.89
C LEU E 144 8.02 -2.83 13.25
N HIS E 145 8.67 -2.13 12.31
CA HIS E 145 10.02 -1.62 12.53
C HIS E 145 10.16 -0.19 12.02
N CYS E 146 9.07 0.57 11.98
CA CYS E 146 9.17 1.97 11.60
C CYS E 146 9.93 2.76 12.66
N THR E 147 10.42 3.94 12.27
CA THR E 147 11.18 4.76 13.19
C THR E 147 10.37 5.12 14.42
N ARG E 148 9.05 5.23 14.30
CA ARG E 148 8.22 5.52 15.45
C ARG E 148 8.32 4.42 16.50
N ASN E 149 8.30 3.15 16.06
CA ASN E 149 8.39 2.05 17.01
C ASN E 149 9.78 1.87 17.59
N TYR E 150 10.82 2.42 16.94
CA TYR E 150 12.14 2.41 17.53
C TYR E 150 12.17 3.22 18.81
N ILE E 151 11.55 4.40 18.79
CA ILE E 151 11.43 5.20 20.01
C ILE E 151 10.57 4.49 21.03
N HIS E 152 9.47 3.87 20.59
CA HIS E 152 8.63 3.11 21.51
C HIS E 152 9.40 1.96 22.13
N ILE E 153 10.25 1.30 21.33
CA ILE E 153 11.14 0.27 21.89
C ILE E 153 12.07 0.89 22.92
N ASN E 154 12.65 2.04 22.59
CA ASN E 154 13.58 2.68 23.51
C ASN E 154 12.87 3.34 24.68
N LEU E 155 11.65 3.84 24.46
CA LEU E 155 10.87 4.35 25.59
C LEU E 155 10.49 3.23 26.54
N PHE E 156 10.13 2.07 26.01
CA PHE E 156 9.72 0.95 26.85
C PHE E 156 10.91 0.42 27.66
N THR E 157 12.06 0.24 27.01
CA THR E 157 13.22 -0.29 27.73
C THR E 157 13.75 0.70 28.76
N SER E 158 13.39 1.97 28.65
CA SER E 158 13.75 2.92 29.71
C SER E 158 12.83 2.76 30.91
N PHE E 159 11.63 2.21 30.71
CA PHE E 159 10.72 1.99 31.83
C PHE E 159 11.16 0.81 32.68
N MET E 160 11.59 -0.29 32.04
CA MET E 160 12.15 -1.41 32.78
C MET E 160 13.39 -0.97 33.54
N LEU E 161 14.33 -0.34 32.84
CA LEU E 161 15.57 0.09 33.47
C LEU E 161 15.32 1.08 34.59
N ARG E 162 14.25 1.88 34.49
CA ARG E 162 13.86 2.71 35.63
C ARG E 162 13.18 1.89 36.72
N ALA E 163 12.29 0.97 36.33
CA ALA E 163 11.57 0.17 37.32
C ALA E 163 12.50 -0.83 37.99
N ALA E 164 13.40 -1.45 37.22
CA ALA E 164 14.33 -2.41 37.81
C ALA E 164 15.26 -1.74 38.80
N ALA E 165 15.73 -0.53 38.48
CA ALA E 165 16.63 0.18 39.39
C ALA E 165 15.93 0.51 40.71
N ILE E 166 14.66 0.93 40.63
CA ILE E 166 13.91 1.24 41.85
C ILE E 166 13.74 -0.01 42.70
N LEU E 167 13.39 -1.12 42.07
CA LEU E 167 13.27 -2.38 42.81
C LEU E 167 14.61 -2.82 43.37
N SER E 168 15.68 -2.66 42.59
CA SER E 168 17.00 -3.03 43.08
C SER E 168 17.44 -2.15 44.24
N ARG E 169 17.24 -0.83 44.11
CA ARG E 169 17.62 0.07 45.20
C ARG E 169 16.76 -0.15 46.43
N ASP E 170 15.45 -0.36 46.24
CA ASP E 170 14.57 -0.63 47.38
C ASP E 170 14.92 -1.95 48.06
N ARG E 171 15.40 -2.94 47.28
CA ARG E 171 15.79 -4.21 47.87
C ARG E 171 16.97 -4.05 48.82
N LEU E 172 17.95 -3.23 48.43
CA LEU E 172 19.11 -2.98 49.29
C LEU E 172 18.67 -2.31 50.59
N LEU E 173 18.23 -1.05 50.49
CA LEU E 173 17.67 -0.26 51.57
C LEU E 173 18.38 -0.48 52.90
N PRO E 174 19.67 -0.09 53.08
CA PRO E 174 20.38 -0.37 54.34
C PRO E 174 19.71 0.41 55.47
N ARG E 175 18.64 -0.13 56.05
CA ARG E 175 17.90 0.58 57.12
C ARG E 175 18.41 0.10 58.48
N PRO E 176 18.73 1.00 59.44
CA PRO E 176 19.12 0.58 60.78
C PRO E 176 18.35 -0.66 61.24
N GLY E 177 17.08 -0.77 60.88
CA GLY E 177 16.27 -1.92 61.36
C GLY E 177 16.79 -3.24 60.82
N PRO E 178 17.25 -3.30 59.55
CA PRO E 178 17.84 -4.54 59.04
C PRO E 178 18.85 -5.09 60.05
N TYR E 179 19.48 -4.21 60.83
CA TYR E 179 20.48 -4.61 61.81
C TYR E 179 19.94 -4.61 63.23
N LEU E 180 19.16 -3.59 63.58
CA LEU E 180 18.60 -3.48 64.92
C LEU E 180 17.18 -2.91 64.88
N LEU E 187 29.86 -2.95 63.54
CA LEU E 187 30.41 -2.33 62.34
C LEU E 187 29.85 -3.01 61.09
N TRP E 188 29.53 -2.21 60.07
CA TRP E 188 28.97 -2.72 58.83
C TRP E 188 29.72 -2.12 57.64
N ASN E 189 29.78 -2.91 56.56
CA ASN E 189 30.48 -2.50 55.36
C ASN E 189 29.75 -3.11 54.16
N GLN E 190 30.19 -2.73 52.95
CA GLN E 190 29.74 -3.32 51.69
C GLN E 190 28.32 -2.92 51.33
N ALA E 191 27.64 -2.17 52.20
CA ALA E 191 26.29 -1.73 51.90
C ALA E 191 26.22 -0.23 51.69
N LEU E 192 26.94 0.54 52.51
CA LEU E 192 26.97 1.99 52.35
C LEU E 192 27.54 2.38 50.99
N ALA E 193 28.57 1.66 50.54
CA ALA E 193 29.07 1.85 49.19
C ALA E 193 28.15 1.26 48.15
N ALA E 194 27.50 0.14 48.46
CA ALA E 194 26.54 -0.46 47.52
C ALA E 194 25.33 0.44 47.34
N CYS E 195 24.83 1.03 48.43
CA CYS E 195 23.72 1.98 48.30
C CYS E 195 24.12 3.18 47.44
N ARG E 196 25.40 3.56 47.48
CA ARG E 196 25.88 4.62 46.60
C ARG E 196 25.76 4.19 45.14
N THR E 197 26.12 2.95 44.83
CA THR E 197 26.09 2.49 43.45
C THR E 197 24.65 2.26 42.97
N ALA E 198 23.81 1.67 43.81
CA ALA E 198 22.43 1.42 43.40
C ALA E 198 21.66 2.72 43.20
N GLN E 199 21.85 3.69 44.11
CA GLN E 199 21.17 4.97 43.98
C GLN E 199 21.60 5.71 42.72
N ILE E 200 22.92 5.73 42.45
CA ILE E 200 23.41 6.49 41.31
C ILE E 200 22.93 5.88 40.00
N VAL E 201 22.67 4.57 39.98
CA VAL E 201 22.06 3.97 38.80
C VAL E 201 20.63 4.45 38.66
N THR E 202 19.87 4.48 39.76
CA THR E 202 18.49 4.92 39.71
C THR E 202 18.38 6.36 39.23
N GLN E 203 19.28 7.23 39.70
CA GLN E 203 19.24 8.63 39.27
C GLN E 203 19.40 8.75 37.76
N TYR E 204 20.32 7.99 37.17
CA TYR E 204 20.42 7.97 35.72
C TYR E 204 19.21 7.30 35.09
N CYS E 205 18.71 6.24 35.72
CA CYS E 205 17.56 5.53 35.17
C CYS E 205 16.34 6.43 35.10
N VAL E 206 16.09 7.20 36.15
CA VAL E 206 14.98 8.14 36.12
C VAL E 206 15.21 9.22 35.06
N GLY E 207 16.43 9.74 34.97
CA GLY E 207 16.72 10.73 33.96
C GLY E 207 16.58 10.20 32.55
N ALA E 208 16.95 8.94 32.34
CA ALA E 208 16.79 8.34 31.02
C ALA E 208 15.33 8.24 30.62
N ASN E 209 14.46 7.83 31.55
CA ASN E 209 13.04 7.74 31.25
C ASN E 209 12.43 9.10 30.97
N TYR E 210 12.79 10.11 31.78
CA TYR E 210 12.17 11.43 31.62
C TYR E 210 12.62 12.09 30.32
N THR E 211 13.89 11.95 29.96
CA THR E 211 14.37 12.56 28.73
C THR E 211 13.95 11.79 27.49
N TRP E 212 13.58 10.52 27.62
CA TRP E 212 13.07 9.80 26.46
C TRP E 212 11.63 10.17 26.14
N LEU E 213 10.86 10.56 27.16
CA LEU E 213 9.53 11.10 26.89
C LEU E 213 9.63 12.41 26.10
N LEU E 214 10.65 13.21 26.39
CA LEU E 214 10.88 14.43 25.61
C LEU E 214 11.23 14.10 24.17
N VAL E 215 12.05 13.07 23.96
CA VAL E 215 12.44 12.69 22.61
C VAL E 215 11.22 12.30 21.79
N GLU E 216 10.32 11.50 22.37
CA GLU E 216 9.11 11.14 21.66
C GLU E 216 8.24 12.35 21.36
N GLY E 217 8.17 13.29 22.31
CA GLY E 217 7.45 14.52 22.05
C GLY E 217 8.08 15.34 20.95
N VAL E 218 9.41 15.42 20.93
CA VAL E 218 10.09 16.19 19.90
C VAL E 218 9.89 15.55 18.53
N TYR E 219 10.00 14.21 18.46
CA TYR E 219 9.82 13.53 17.19
C TYR E 219 8.41 13.70 16.65
N LEU E 220 7.41 13.57 17.52
CA LEU E 220 6.03 13.80 17.10
C LEU E 220 5.81 15.25 16.69
N HIS E 221 6.41 16.19 17.42
CA HIS E 221 6.31 17.59 17.02
C HIS E 221 6.96 17.82 15.66
N SER E 222 8.12 17.19 15.42
CA SER E 222 8.77 17.33 14.12
C SER E 222 8.03 16.61 13.01
N LEU E 223 7.20 15.63 13.36
CA LEU E 223 6.44 14.91 12.34
C LEU E 223 5.24 15.70 11.83
N LEU E 224 4.78 16.69 12.58
CA LEU E 224 3.61 17.48 12.19
C LEU E 224 3.96 18.93 11.89
N VAL E 225 4.56 19.64 12.85
CA VAL E 225 4.80 21.07 12.66
C VAL E 225 5.91 21.30 11.64
N LEU E 226 7.01 20.54 11.74
CA LEU E 226 8.13 20.75 10.86
C LEU E 226 7.78 20.33 9.44
N VAL E 227 8.22 21.12 8.47
CA VAL E 227 7.91 20.90 7.06
C VAL E 227 9.22 20.81 6.28
N GLY E 228 9.30 19.83 5.39
CA GLY E 228 10.48 19.69 4.54
C GLY E 228 11.43 18.61 5.03
N GLY E 229 11.59 18.52 6.34
CA GLY E 229 12.47 17.49 6.89
C GLY E 229 11.87 16.11 6.72
N SER E 230 12.60 15.25 6.01
CA SER E 230 12.16 13.88 5.75
C SER E 230 12.47 12.94 6.90
N GLU E 231 13.10 13.43 7.97
CA GLU E 231 13.46 12.64 9.13
C GLU E 231 14.39 11.50 8.75
N GLU E 232 14.45 10.46 9.59
CA GLU E 232 15.25 9.26 9.38
C GLU E 232 16.75 9.55 9.45
N GLY E 233 17.12 10.83 9.58
CA GLY E 233 18.51 11.22 9.72
C GLY E 233 18.79 11.82 11.08
N HIS E 234 17.74 12.02 11.86
CA HIS E 234 17.86 12.53 13.22
C HIS E 234 17.99 11.43 14.26
N PHE E 235 17.86 10.16 13.86
CA PHE E 235 17.91 9.08 14.84
C PHE E 235 19.25 9.00 15.53
N ARG E 236 20.32 9.46 14.88
CA ARG E 236 21.60 9.56 15.56
C ARG E 236 21.54 10.57 16.70
N TYR E 237 20.87 11.70 16.48
CA TYR E 237 20.75 12.70 17.53
C TYR E 237 19.81 12.23 18.63
N TYR E 238 18.69 11.59 18.26
CA TYR E 238 17.72 11.16 19.26
C TYR E 238 18.32 10.14 20.21
N LEU E 239 19.10 9.19 19.68
CA LEU E 239 19.76 8.22 20.55
C LEU E 239 20.73 8.91 21.49
N LEU E 240 21.47 9.90 20.99
CA LEU E 240 22.35 10.68 21.86
C LEU E 240 21.55 11.44 22.91
N LEU E 241 20.45 12.07 22.50
CA LEU E 241 19.60 12.76 23.46
C LEU E 241 18.86 11.79 24.36
N GLY E 242 18.53 10.61 23.85
CA GLY E 242 17.76 9.66 24.64
C GLY E 242 18.52 9.11 25.83
N TRP E 243 19.80 8.80 25.65
CA TRP E 243 20.58 8.17 26.70
C TRP E 243 21.79 8.97 27.13
N GLY E 244 22.26 9.92 26.32
CA GLY E 244 23.43 10.69 26.68
C GLY E 244 23.10 11.96 27.44
N ALA E 245 21.91 12.50 27.21
CA ALA E 245 21.48 13.70 27.94
C ALA E 245 21.42 13.47 29.45
N PRO E 246 20.82 12.39 29.97
CA PRO E 246 20.82 12.22 31.44
C PRO E 246 22.20 12.08 32.04
N ALA E 247 23.20 11.70 31.24
CA ALA E 247 24.56 11.65 31.76
C ALA E 247 25.04 13.02 32.19
N LEU E 248 24.74 14.06 31.41
CA LEU E 248 25.12 15.41 31.80
C LEU E 248 24.35 15.88 33.02
N PHE E 249 23.20 15.26 33.30
CA PHE E 249 22.42 15.63 34.48
C PHE E 249 22.93 14.95 35.74
N VAL E 250 23.52 13.77 35.61
CA VAL E 250 23.86 12.97 36.79
C VAL E 250 25.36 12.90 37.05
N ILE E 251 26.21 13.03 36.03
CA ILE E 251 27.65 12.99 36.24
C ILE E 251 28.12 14.15 37.11
N PRO E 252 27.72 15.40 36.85
CA PRO E 252 28.04 16.46 37.82
C PRO E 252 27.46 16.20 39.20
N TRP E 253 26.28 15.60 39.28
CA TRP E 253 25.68 15.31 40.58
C TRP E 253 26.56 14.40 41.42
N VAL E 254 27.31 13.51 40.76
CA VAL E 254 28.28 12.68 41.47
C VAL E 254 29.37 13.56 42.07
N ILE E 255 29.89 14.52 41.30
CA ILE E 255 31.05 15.29 41.73
C ILE E 255 30.66 16.32 42.77
N VAL E 256 29.66 17.15 42.45
CA VAL E 256 29.34 18.30 43.30
C VAL E 256 28.81 17.88 44.67
N ARG E 257 28.07 16.76 44.75
CA ARG E 257 27.59 16.32 46.05
C ARG E 257 28.70 15.64 46.86
N TYR E 258 29.58 14.89 46.18
CA TYR E 258 30.62 14.15 46.90
C TYR E 258 31.58 15.07 47.61
N LEU E 259 31.95 16.19 46.97
CA LEU E 259 32.96 17.07 47.54
C LEU E 259 32.36 18.14 48.45
N TYR E 260 31.03 18.29 48.47
CA TYR E 260 30.38 19.35 49.24
C TYR E 260 29.50 18.80 50.37
N GLU E 261 28.56 17.93 50.04
CA GLU E 261 27.56 17.45 50.99
C GLU E 261 27.42 15.94 50.89
N ASN E 262 28.55 15.24 50.91
CA ASN E 262 28.54 13.78 50.85
C ASN E 262 27.76 13.19 52.03
N THR E 263 26.88 12.25 51.73
CA THR E 263 26.08 11.56 52.73
C THR E 263 26.50 10.09 52.79
N GLN E 264 25.77 9.32 53.60
CA GLN E 264 26.15 7.93 53.84
C GLN E 264 26.02 7.09 52.58
N CYS E 265 24.86 7.13 51.91
CA CYS E 265 24.63 6.29 50.74
C CYS E 265 23.83 7.02 49.67
N TRP E 266 23.88 8.35 49.66
CA TRP E 266 23.18 9.19 48.68
C TRP E 266 21.67 9.04 48.80
N GLU E 267 21.16 9.05 50.03
CA GLU E 267 19.72 8.89 50.23
C GLU E 267 19.15 10.06 51.01
N ARG E 268 19.95 10.67 51.88
CA ARG E 268 19.52 11.78 52.71
C ARG E 268 19.72 13.09 51.95
N ASN E 269 18.65 13.89 51.86
CA ASN E 269 18.69 15.18 51.17
C ASN E 269 18.57 16.28 52.23
N GLU E 270 19.71 16.67 52.78
CA GLU E 270 19.71 17.67 53.84
C GLU E 270 19.46 19.07 53.28
N VAL E 271 20.07 19.40 52.14
CA VAL E 271 20.00 20.74 51.57
C VAL E 271 19.27 20.67 50.23
N LYS E 272 18.27 21.53 50.06
CA LYS E 272 17.50 21.56 48.82
C LYS E 272 18.30 22.10 47.65
N ALA E 273 19.37 22.86 47.91
CA ALA E 273 20.19 23.37 46.81
C ALA E 273 20.85 22.23 46.04
N ILE E 274 21.36 21.22 46.76
CA ILE E 274 21.96 20.08 46.08
C ILE E 274 20.90 19.17 45.45
N TRP E 275 19.64 19.27 45.89
CA TRP E 275 18.58 18.48 45.29
C TRP E 275 18.33 18.87 43.84
N TRP E 276 18.78 20.05 43.42
CA TRP E 276 18.70 20.46 42.04
C TRP E 276 19.82 19.76 41.27
N ILE E 277 20.10 20.24 40.05
CA ILE E 277 21.08 19.64 39.13
C ILE E 277 20.51 18.35 38.56
N ILE E 278 19.83 17.57 39.41
CA ILE E 278 19.08 16.40 38.96
C ILE E 278 17.60 16.72 38.82
N ARG E 279 17.03 17.47 39.76
CA ARG E 279 15.61 17.80 39.69
C ARG E 279 15.30 18.85 38.63
N THR E 280 16.16 19.86 38.50
CA THR E 280 15.88 20.93 37.53
C THR E 280 15.81 20.43 36.09
N PRO E 281 16.74 19.60 35.59
CA PRO E 281 16.56 19.09 34.22
C PRO E 281 15.30 18.25 34.06
N ILE E 282 14.87 17.55 35.11
CA ILE E 282 13.61 16.82 35.04
C ILE E 282 12.46 17.79 34.81
N LEU E 283 12.45 18.91 35.55
CA LEU E 283 11.42 19.91 35.36
C LEU E 283 11.53 20.58 34.00
N MET E 284 12.75 20.84 33.53
CA MET E 284 12.92 21.47 32.23
C MET E 284 12.39 20.58 31.12
N THR E 285 12.68 19.28 31.18
CA THR E 285 12.14 18.36 30.17
C THR E 285 10.61 18.29 30.26
N ILE E 286 10.07 18.31 31.47
CA ILE E 286 8.62 18.27 31.64
C ILE E 286 7.98 19.52 31.06
N LEU E 287 8.57 20.69 31.35
CA LEU E 287 7.99 21.94 30.87
C LEU E 287 8.01 22.02 29.35
N ILE E 288 9.10 21.57 28.73
CA ILE E 288 9.19 21.57 27.27
C ILE E 288 8.12 20.68 26.67
N ASN E 289 7.89 19.51 27.28
CA ASN E 289 6.86 18.60 26.78
C ASN E 289 5.47 19.21 26.89
N PHE E 290 5.23 20.05 27.90
CA PHE E 290 3.94 20.71 28.01
C PHE E 290 3.68 21.64 26.83
N LEU E 291 4.72 22.37 26.40
CA LEU E 291 4.56 23.21 25.21
C LEU E 291 4.33 22.38 23.96
N ILE E 292 5.04 21.26 23.83
CA ILE E 292 4.84 20.39 22.68
C ILE E 292 3.46 19.74 22.74
N PHE E 293 3.02 19.36 23.93
CA PHE E 293 1.70 18.76 24.08
C PHE E 293 0.60 19.75 23.69
N ILE E 294 0.77 21.02 24.06
CA ILE E 294 -0.21 22.04 23.68
C ILE E 294 -0.24 22.21 22.17
N ARG E 295 0.94 22.26 21.54
CA ARG E 295 1.00 22.45 20.09
C ARG E 295 0.29 21.33 19.35
N ILE E 296 0.51 20.08 19.77
CA ILE E 296 -0.14 18.95 19.11
C ILE E 296 -1.65 19.00 19.33
N LEU E 297 -2.09 19.40 20.52
CA LEU E 297 -3.51 19.53 20.76
C LEU E 297 -4.12 20.65 19.93
N GLY E 298 -3.34 21.71 19.67
CA GLY E 298 -3.81 22.75 18.78
C GLY E 298 -3.99 22.27 17.36
N ILE E 299 -3.03 21.48 16.87
CA ILE E 299 -3.14 20.92 15.52
C ILE E 299 -4.30 19.95 15.45
N LEU E 300 -4.41 19.05 16.43
CA LEU E 300 -5.48 18.06 16.42
C LEU E 300 -6.85 18.71 16.52
N LEU E 301 -6.95 19.87 17.16
CA LEU E 301 -8.21 20.61 17.17
C LEU E 301 -8.59 21.02 15.75
N SER E 302 -7.61 21.49 14.96
CA SER E 302 -7.88 21.88 13.59
C SER E 302 -8.35 20.69 12.75
N LYS E 303 -7.74 19.52 12.97
CA LYS E 303 -8.14 18.34 12.21
C LYS E 303 -9.57 17.92 12.54
N LEU E 304 -9.95 18.01 13.81
CA LEU E 304 -11.30 17.62 14.21
C LEU E 304 -12.34 18.62 13.72
N ARG E 305 -12.00 19.92 13.73
CA ARG E 305 -12.97 20.93 13.33
C ARG E 305 -13.17 20.97 11.83
N THR E 306 -12.15 20.61 11.05
CA THR E 306 -12.25 20.69 9.60
C THR E 306 -13.30 19.72 9.07
N ARG E 307 -13.35 18.50 9.60
CA ARG E 307 -14.29 17.47 9.15
C ARG E 307 -15.33 17.27 10.24
N GLN E 308 -16.52 17.83 10.04
CA GLN E 308 -17.63 17.64 10.96
C GLN E 308 -18.84 17.07 10.23
N ASP E 313 -19.73 13.06 19.99
CA ASP E 313 -19.15 13.10 18.65
C ASP E 313 -17.78 13.79 18.69
N TYR E 314 -17.78 15.10 18.41
CA TYR E 314 -16.54 15.86 18.46
C TYR E 314 -15.98 15.90 19.87
N ARG E 315 -16.86 16.12 20.86
CA ARG E 315 -16.40 16.23 22.24
C ARG E 315 -15.78 14.93 22.73
N LEU E 316 -16.31 13.79 22.28
CA LEU E 316 -15.76 12.51 22.70
C LEU E 316 -14.39 12.26 22.08
N ARG E 317 -14.24 12.59 20.79
CA ARG E 317 -12.98 12.34 20.10
C ARG E 317 -11.83 13.12 20.71
N LEU E 318 -12.06 14.40 21.04
CA LEU E 318 -11.01 15.19 21.66
C LEU E 318 -10.62 14.65 23.03
N ALA E 319 -11.62 14.21 23.80
CA ALA E 319 -11.34 13.72 25.15
C ALA E 319 -10.49 12.45 25.12
N ARG E 320 -10.79 11.53 24.20
CA ARG E 320 -10.01 10.30 24.13
C ARG E 320 -8.59 10.58 23.63
N SER E 321 -8.44 11.54 22.71
CA SER E 321 -7.14 11.78 22.11
C SER E 321 -6.15 12.34 23.12
N THR E 322 -6.57 13.32 23.93
CA THR E 322 -5.65 13.92 24.89
C THR E 322 -5.21 12.91 25.94
N LEU E 323 -6.13 12.11 26.45
CA LEU E 323 -5.76 11.06 27.39
C LEU E 323 -4.95 9.95 26.72
N PHE E 324 -5.04 9.84 25.39
CA PHE E 324 -4.14 8.97 24.64
C PHE E 324 -2.76 9.59 24.51
N LEU E 325 -2.65 10.91 24.60
CA LEU E 325 -1.40 11.62 24.39
C LEU E 325 -0.69 11.99 25.68
N VAL E 326 -1.43 12.15 26.79
CA VAL E 326 -0.81 12.60 28.03
C VAL E 326 0.25 11.63 28.55
N PRO E 327 -0.01 10.33 28.68
CA PRO E 327 1.06 9.43 29.15
C PRO E 327 2.21 9.29 28.19
N LEU E 328 1.99 9.51 26.89
CA LEU E 328 3.08 9.40 25.93
C LEU E 328 4.16 10.43 26.19
N LEU E 329 3.76 11.67 26.45
CA LEU E 329 4.71 12.75 26.73
C LEU E 329 4.94 12.96 28.22
N GLY E 330 4.31 12.15 29.07
CA GLY E 330 4.50 12.27 30.51
C GLY E 330 4.13 13.64 31.04
N VAL E 331 3.06 14.24 30.51
CA VAL E 331 2.73 15.61 30.81
C VAL E 331 1.83 15.75 32.03
N HIS E 332 1.26 14.65 32.52
CA HIS E 332 0.42 14.72 33.71
C HIS E 332 1.20 15.14 34.94
N GLU E 333 2.52 14.98 34.94
CA GLU E 333 3.33 15.33 36.10
C GLU E 333 3.47 16.84 36.30
N VAL E 334 3.21 17.64 35.27
CA VAL E 334 3.40 19.07 35.39
C VAL E 334 2.37 19.68 36.33
N VAL E 335 1.19 19.08 36.45
CA VAL E 335 0.15 19.64 37.31
C VAL E 335 0.20 19.12 38.74
N PHE E 336 1.09 18.16 39.03
CA PHE E 336 1.36 17.75 40.39
C PHE E 336 2.57 18.46 40.98
N ALA E 337 3.13 19.45 40.30
CA ALA E 337 4.26 20.24 40.80
C ALA E 337 3.93 21.72 40.67
N PRO E 338 2.98 22.22 41.47
CA PRO E 338 2.58 23.64 41.39
C PRO E 338 3.38 24.54 42.32
N VAL E 339 4.67 24.69 42.00
CA VAL E 339 5.61 25.50 42.77
C VAL E 339 5.67 24.99 44.21
N THR E 340 6.60 24.06 44.47
CA THR E 340 6.69 23.40 45.77
C THR E 340 7.12 24.34 46.89
N GLU E 341 7.28 25.64 46.62
CA GLU E 341 7.66 26.57 47.68
C GLU E 341 6.60 26.71 48.75
N GLU E 342 5.35 26.32 48.45
CA GLU E 342 4.29 26.38 49.45
C GLU E 342 4.48 25.33 50.53
N GLN E 343 4.53 24.06 50.13
CA GLN E 343 4.75 22.92 51.03
C GLN E 343 3.70 22.89 52.13
N ALA E 344 2.46 22.66 51.70
CA ALA E 344 1.35 22.58 52.65
C ALA E 344 1.55 21.42 53.62
N ARG E 345 1.18 21.65 54.87
CA ARG E 345 1.37 20.67 55.94
C ARG E 345 0.05 19.98 56.28
N GLY E 346 0.14 18.68 56.53
CA GLY E 346 -0.99 17.87 56.93
C GLY E 346 -1.11 16.63 56.07
N ALA E 347 -2.26 15.97 56.17
CA ALA E 347 -2.50 14.78 55.37
C ALA E 347 -2.65 15.08 53.89
N LEU E 348 -2.89 16.34 53.53
CA LEU E 348 -3.00 16.69 52.11
C LEU E 348 -1.67 16.48 51.39
N ARG E 349 -0.55 16.80 52.06
CA ARG E 349 0.75 16.57 51.46
C ARG E 349 0.99 15.10 51.18
N PHE E 350 0.65 14.23 52.14
CA PHE E 350 0.78 12.80 51.91
C PHE E 350 -0.16 12.32 50.82
N ALA E 351 -1.40 12.83 50.81
CA ALA E 351 -2.35 12.43 49.78
C ALA E 351 -1.90 12.90 48.40
N LYS E 352 -1.41 14.13 48.30
CA LYS E 352 -0.89 14.61 47.03
C LYS E 352 0.33 13.81 46.59
N LEU E 353 1.24 13.53 47.52
CA LEU E 353 2.41 12.73 47.19
C LEU E 353 2.01 11.31 46.79
N GLY E 354 1.04 10.73 47.49
CA GLY E 354 0.59 9.39 47.16
C GLY E 354 0.03 9.29 45.76
N PHE E 355 -0.80 10.26 45.36
CA PHE E 355 -1.32 10.28 43.99
C PHE E 355 -0.20 10.50 42.99
N GLU E 356 0.75 11.38 43.32
CA GLU E 356 1.91 11.58 42.46
C GLU E 356 2.76 10.30 42.39
N ILE E 357 2.93 9.61 43.51
CA ILE E 357 3.62 8.33 43.51
C ILE E 357 2.82 7.30 42.72
N PHE E 358 1.49 7.36 42.83
CA PHE E 358 0.63 6.39 42.15
C PHE E 358 0.87 6.41 40.64
N LEU E 359 0.80 7.59 40.04
CA LEU E 359 0.93 7.69 38.59
C LEU E 359 2.31 7.27 38.11
N SER E 360 3.35 7.62 38.86
CA SER E 360 4.70 7.21 38.49
C SER E 360 4.87 5.70 38.57
N SER E 361 4.24 5.07 39.57
CA SER E 361 4.40 3.63 39.75
C SER E 361 3.74 2.85 38.61
N PHE E 362 2.54 3.24 38.21
CA PHE E 362 1.78 2.55 37.19
C PHE E 362 1.93 3.17 35.81
N GLN E 363 2.85 4.12 35.65
CA GLN E 363 3.05 4.73 34.33
C GLN E 363 3.54 3.70 33.33
N GLY E 364 4.46 2.83 33.73
CA GLY E 364 5.00 1.85 32.80
C GLY E 364 3.95 0.88 32.30
N PHE E 365 3.08 0.40 33.19
CA PHE E 365 2.01 -0.50 32.78
C PHE E 365 1.00 0.22 31.90
N LEU E 366 0.66 1.47 32.24
CA LEU E 366 -0.30 2.21 31.44
C LEU E 366 0.23 2.49 30.04
N VAL E 367 1.49 2.92 29.94
CA VAL E 367 2.08 3.19 28.64
C VAL E 367 2.22 1.91 27.83
N SER E 368 2.53 0.80 28.51
CA SER E 368 2.66 -0.47 27.81
C SER E 368 1.33 -0.91 27.18
N VAL E 369 0.23 -0.74 27.91
CA VAL E 369 -1.05 -1.25 27.41
C VAL E 369 -1.69 -0.29 26.43
N LEU E 370 -1.37 1.01 26.51
CA LEU E 370 -2.01 1.98 25.63
C LEU E 370 -1.43 1.96 24.22
N TYR E 371 -0.14 1.62 24.07
CA TYR E 371 0.53 1.68 22.79
C TYR E 371 1.05 0.32 22.32
N CYS E 372 0.56 -0.77 22.90
CA CYS E 372 0.88 -2.10 22.39
C CYS E 372 -0.39 -2.94 22.23
N PHE E 373 -1.38 -2.70 23.08
CA PHE E 373 -2.64 -3.45 23.05
C PHE E 373 -3.74 -2.67 22.33
N ILE E 374 -3.97 -1.42 22.72
CA ILE E 374 -5.00 -0.60 22.08
C ILE E 374 -4.64 -0.34 20.63
N ASN E 375 -3.35 -0.19 20.33
CA ASN E 375 -2.88 0.05 18.98
C ASN E 375 -3.40 -1.02 18.03
N LYS E 376 -4.25 -0.61 17.08
CA LYS E 376 -4.90 -1.56 16.19
C LYS E 376 -3.92 -2.22 15.23
N GLU E 377 -2.87 -1.49 14.83
CA GLU E 377 -1.94 -2.03 13.84
C GLU E 377 -1.26 -3.30 14.36
N VAL E 378 -0.67 -3.24 15.55
CA VAL E 378 -0.01 -4.41 16.11
C VAL E 378 -1.04 -5.46 16.52
N GLN E 379 -2.19 -5.03 17.06
CA GLN E 379 -3.22 -5.97 17.44
C GLN E 379 -3.73 -6.76 16.25
N SER E 380 -3.97 -6.08 15.13
CA SER E 380 -4.43 -6.77 13.92
C SER E 380 -3.30 -7.54 13.26
N GLU E 381 -2.05 -7.12 13.47
CA GLU E 381 -0.92 -7.81 12.84
C GLU E 381 -0.73 -9.20 13.45
N ILE E 382 -1.04 -9.36 14.74
CA ILE E 382 -0.93 -10.67 15.36
C ILE E 382 -1.90 -11.66 14.72
N ARG E 383 -3.01 -11.17 14.18
CA ARG E 383 -3.92 -12.04 13.45
C ARG E 383 -3.28 -12.56 12.18
N ARG E 384 -2.58 -11.69 11.44
CA ARG E 384 -1.90 -12.12 10.23
C ARG E 384 -0.79 -13.10 10.54
N GLY E 385 -0.03 -12.87 11.61
CA GLY E 385 0.99 -13.82 12.00
C GLY E 385 0.41 -15.14 12.47
N TRP E 386 -0.71 -15.08 13.19
CA TRP E 386 -1.36 -16.32 13.65
C TRP E 386 -1.92 -17.11 12.48
N HIS E 387 -2.38 -16.41 11.43
CA HIS E 387 -2.94 -17.10 10.28
C HIS E 387 -1.89 -17.97 9.59
N HIS E 388 -0.66 -17.46 9.47
CA HIS E 388 0.41 -18.26 8.88
C HIS E 388 0.74 -19.47 9.74
N CYS E 389 0.73 -19.30 11.06
CA CYS E 389 1.02 -20.42 11.95
C CYS E 389 -0.04 -21.52 11.82
N ARG E 390 -1.31 -21.13 11.69
CA ARG E 390 -2.38 -22.08 11.51
C ARG E 390 -2.58 -22.41 10.03
N TYR F 1 9.75 14.70 40.45
CA TYR F 1 10.49 13.52 40.89
C TYR F 1 9.94 12.97 42.20
N GLN F 3 9.83 9.80 43.33
CA GLN F 3 10.69 8.79 43.95
C GLN F 3 11.69 9.36 44.95
N GLY F 4 12.39 10.43 44.54
CA GLY F 4 13.43 10.99 45.39
C GLY F 4 12.90 11.52 46.70
N THR F 5 11.79 12.28 46.64
CA THR F 5 11.22 12.86 47.85
C THR F 5 10.72 11.77 48.80
N PHE F 6 10.10 10.72 48.25
CA PHE F 6 9.58 9.65 49.10
C PHE F 6 10.70 8.95 49.85
N THR F 7 11.80 8.64 49.16
CA THR F 7 12.91 7.99 49.84
C THR F 7 13.69 8.95 50.73
N SER F 8 13.61 10.26 50.47
CA SER F 8 14.21 11.24 51.36
C SER F 8 13.41 11.39 52.64
N ASP F 9 12.08 11.45 52.52
CA ASP F 9 11.23 11.48 53.71
C ASP F 9 11.38 10.19 54.51
N TYR F 10 11.38 9.05 53.81
CA TYR F 10 11.55 7.77 54.48
C TYR F 10 12.92 7.62 55.12
N SER F 11 13.92 8.33 54.59
CA SER F 11 15.27 8.23 55.13
C SER F 11 15.34 8.77 56.55
N ILE F 12 14.71 9.91 56.81
CA ILE F 12 14.75 10.52 58.13
C ILE F 12 13.70 9.94 59.05
N LEU F 14 12.44 7.08 59.48
CA LEU F 14 12.82 5.83 60.12
C LEU F 14 14.07 6.02 60.97
N ASP F 15 14.94 6.93 60.53
CA ASP F 15 16.16 7.22 61.29
C ASP F 15 15.82 7.84 62.64
N LYS F 16 14.86 8.76 62.68
CA LYS F 16 14.51 9.42 63.93
C LYS F 16 13.92 8.44 64.93
N LYS F 17 13.14 7.46 64.45
CA LYS F 17 12.58 6.46 65.35
C LYS F 17 13.67 5.62 66.00
N ALA F 18 14.77 5.37 65.29
CA ALA F 18 15.87 4.61 65.89
C ALA F 18 16.51 5.39 67.03
N GLN F 19 16.63 6.70 66.89
CA GLN F 19 17.24 7.54 67.92
C GLN F 19 16.48 7.46 69.24
N ALA F 21 14.55 5.58 70.41
CA ALA F 21 14.40 4.23 70.95
C ALA F 21 15.71 3.73 71.53
N PHE F 22 16.82 4.17 70.94
CA PHE F 22 18.14 3.75 71.42
C PHE F 22 18.38 4.24 72.85
N ILE F 23 18.04 5.49 73.13
CA ILE F 23 18.22 6.02 74.48
C ILE F 23 17.26 5.33 75.45
N GLU F 24 16.01 5.14 75.04
CA GLU F 24 15.03 4.51 75.92
C GLU F 24 15.39 3.05 76.18
N TYR F 25 16.06 2.41 75.22
CA TYR F 25 16.46 1.01 75.41
C TYR F 25 17.47 0.87 76.54
N LEU F 26 18.32 1.88 76.74
CA LEU F 26 19.31 1.82 77.81
C LEU F 26 18.64 1.76 79.18
N LEU F 27 17.59 2.57 79.37
CA LEU F 27 16.88 2.59 80.65
C LEU F 27 15.67 1.66 80.63
#